data_4K1Y
#
_entry.id   4K1Y
#
_cell.length_a   139.880
_cell.length_b   95.660
_cell.length_c   94.610
_cell.angle_alpha   90.000
_cell.angle_beta   132.290
_cell.angle_gamma   90.000
#
_symmetry.space_group_name_H-M   'C 1 2 1'
#
loop_
_entity.id
_entity.type
_entity.pdbx_description
1 polymer 'Canavalia boliviana lectin'
2 branched 'alpha-D-mannopyranose-(1-3)-methyl alpha-D-mannopyranoside'
3 non-polymer 'MANGANESE (II) ION'
4 non-polymer 'CALCIUM ION'
5 non-polymer 'CADMIUM ION'
6 water water
#
_entity_poly.entity_id   1
_entity_poly.type   'polypeptide(L)'
_entity_poly.pdbx_seq_one_letter_code
;ADTIVAVELDTYPNTDIGDPSYPHIGIDIKSVRSKKTAKWNMQNGKVGTAHIIYNSVGKRLSAVVSYPNGDSATVSYDVD
LDNVLPEWVRVGLSATTGLYKETNTILSWSFTSKLKSNSTHETNALHFMFNQFSKDQKDLILQGDATTGRDGNLELTRVS
SNGSPQGSSVGRALFYAPVHIWESSAVVASFDATFTFLIKSSDSHPADGIAFFISNIDSSIPSGSTGRLLGLFPDAN
;
_entity_poly.pdbx_strand_id   A,B,C,D
#
loop_
_chem_comp.id
_chem_comp.type
_chem_comp.name
_chem_comp.formula
CA non-polymer 'CALCIUM ION' 'Ca 2'
CD non-polymer 'CADMIUM ION' 'Cd 2'
MAN D-saccharide, alpha linking alpha-D-mannopyranose 'C6 H12 O6'
MMA D-saccharide 'methyl alpha-D-mannopyranoside' 'C7 H14 O6'
MN non-polymer 'MANGANESE (II) ION' 'Mn 2'
#
# COMPACT_ATOMS: atom_id res chain seq x y z
N ALA A 1 -23.59 0.33 -28.35
CA ALA A 1 -22.42 1.19 -28.18
C ALA A 1 -21.77 0.96 -26.83
N ASP A 2 -20.55 1.46 -26.68
CA ASP A 2 -19.80 1.31 -25.43
C ASP A 2 -20.31 2.24 -24.35
N THR A 3 -20.21 1.80 -23.10
CA THR A 3 -20.62 2.59 -21.95
C THR A 3 -19.41 3.32 -21.37
N ILE A 4 -19.40 4.65 -21.49
CA ILE A 4 -18.24 5.43 -21.05
C ILE A 4 -18.51 6.32 -19.83
N VAL A 5 -17.51 6.43 -18.97
CA VAL A 5 -17.49 7.41 -17.89
C VAL A 5 -16.11 8.02 -17.82
N ALA A 6 -16.01 9.34 -17.94
CA ALA A 6 -14.71 9.98 -18.14
C ALA A 6 -14.49 11.25 -17.34
N VAL A 7 -13.22 11.50 -17.00
CA VAL A 7 -12.81 12.83 -16.56
C VAL A 7 -11.97 13.43 -17.68
N GLU A 8 -12.45 14.54 -18.23
CA GLU A 8 -11.84 15.16 -19.39
C GLU A 8 -11.11 16.45 -19.05
N LEU A 9 -9.87 16.53 -19.49
CA LEU A 9 -9.12 17.77 -19.54
C LEU A 9 -9.21 18.24 -20.97
N ASP A 10 -10.00 19.28 -21.18
CA ASP A 10 -10.38 19.73 -22.51
C ASP A 10 -9.68 21.04 -22.85
N THR A 11 -8.75 20.98 -23.79
CA THR A 11 -7.93 22.13 -24.15
C THR A 11 -8.64 23.09 -25.09
N TYR A 12 -9.48 22.53 -25.96
CA TYR A 12 -10.18 23.31 -26.98
C TYR A 12 -11.67 23.39 -26.69
N PRO A 13 -12.20 24.61 -26.56
CA PRO A 13 -13.59 24.94 -26.28
C PRO A 13 -14.49 24.79 -27.52
N ASN A 14 -15.05 23.61 -27.75
CA ASN A 14 -15.98 23.48 -28.87
C ASN A 14 -17.37 23.82 -28.33
N THR A 15 -17.87 25.00 -28.71
CA THR A 15 -19.08 25.54 -28.11
C THR A 15 -20.36 25.15 -28.86
N ASP A 16 -20.20 24.61 -30.05
CA ASP A 16 -21.34 24.10 -30.81
C ASP A 16 -21.75 22.75 -30.24
N ILE A 17 -20.80 22.07 -29.60
CA ILE A 17 -21.01 20.75 -29.05
C ILE A 17 -21.35 20.80 -27.56
N GLY A 18 -21.45 22.01 -27.02
CA GLY A 18 -21.87 22.21 -25.65
C GLY A 18 -20.79 22.59 -24.66
N ASP A 19 -19.55 22.67 -25.13
CA ASP A 19 -18.45 23.05 -24.23
C ASP A 19 -18.55 24.50 -23.84
N PRO A 20 -18.08 24.84 -22.63
CA PRO A 20 -17.93 26.23 -22.18
C PRO A 20 -16.89 26.95 -23.03
N SER A 21 -16.83 28.27 -22.89
CA SER A 21 -16.02 29.11 -23.75
C SER A 21 -14.53 29.12 -23.37
N TYR A 22 -14.18 28.37 -22.32
CA TYR A 22 -12.80 28.30 -21.87
C TYR A 22 -12.34 26.85 -21.75
N PRO A 23 -11.01 26.62 -21.74
CA PRO A 23 -10.45 25.32 -21.41
C PRO A 23 -10.99 24.86 -20.07
N HIS A 24 -11.37 23.59 -19.96
CA HIS A 24 -12.13 23.17 -18.79
C HIS A 24 -11.91 21.70 -18.42
N ILE A 25 -12.09 21.39 -17.14
CA ILE A 25 -12.13 19.99 -16.73
C ILE A 25 -13.58 19.62 -16.55
N GLY A 26 -13.96 18.41 -16.92
CA GLY A 26 -15.35 18.03 -16.84
C GLY A 26 -15.59 16.57 -16.53
N ILE A 27 -16.82 16.29 -16.13
CA ILE A 27 -17.25 14.94 -15.77
C ILE A 27 -18.33 14.42 -16.72
N ASP A 28 -17.98 13.39 -17.48
CA ASP A 28 -18.81 12.91 -18.58
C ASP A 28 -19.37 11.51 -18.36
N ILE A 29 -20.68 11.41 -18.17
CA ILE A 29 -21.33 10.12 -18.06
C ILE A 29 -22.00 9.78 -19.40
N LYS A 30 -21.40 8.83 -20.12
CA LYS A 30 -21.96 8.29 -21.35
C LYS A 30 -22.20 9.37 -22.42
N SER A 31 -21.54 10.50 -22.29
CA SER A 31 -21.71 11.60 -23.24
C SER A 31 -20.49 12.51 -23.31
N VAL A 32 -20.26 13.10 -24.48
CA VAL A 32 -19.17 14.06 -24.67
C VAL A 32 -19.51 15.37 -23.98
N ARG A 33 -20.79 15.56 -23.69
CA ARG A 33 -21.27 16.79 -23.05
C ARG A 33 -21.25 16.61 -21.55
N SER A 34 -20.36 17.35 -20.90
CA SER A 34 -20.09 17.15 -19.47
C SER A 34 -21.32 17.31 -18.59
N LYS A 35 -21.45 16.45 -17.59
CA LYS A 35 -22.48 16.56 -16.58
C LYS A 35 -22.13 17.71 -15.65
N LYS A 36 -20.81 17.95 -15.52
CA LYS A 36 -20.28 19.05 -14.71
C LYS A 36 -18.94 19.49 -15.28
N THR A 37 -18.62 20.77 -15.17
CA THR A 37 -17.28 21.26 -15.56
C THR A 37 -16.82 22.39 -14.64
N ALA A 38 -15.52 22.62 -14.64
CA ALA A 38 -14.92 23.76 -13.96
C ALA A 38 -13.87 24.40 -14.88
N LYS A 39 -13.72 25.71 -14.76
CA LYS A 39 -12.75 26.47 -15.53
C LYS A 39 -11.32 26.00 -15.23
N TRP A 40 -10.55 25.79 -16.28
CA TRP A 40 -9.18 25.30 -16.12
C TRP A 40 -8.22 26.13 -16.95
N ASN A 41 -7.32 26.85 -16.29
CA ASN A 41 -6.28 27.54 -17.00
C ASN A 41 -5.06 26.65 -17.06
N MET A 42 -4.78 26.13 -18.24
CA MET A 42 -3.66 25.22 -18.43
C MET A 42 -2.39 25.99 -18.74
N GLN A 43 -1.27 25.49 -18.24
CA GLN A 43 0.00 26.14 -18.48
C GLN A 43 0.81 25.41 -19.55
N ASN A 44 0.88 26.01 -20.73
CA ASN A 44 1.54 25.42 -21.89
C ASN A 44 3.00 25.07 -21.62
N GLY A 45 3.35 23.82 -21.88
CA GLY A 45 4.72 23.35 -21.69
C GLY A 45 5.03 22.95 -20.26
N LYS A 46 4.02 22.95 -19.41
CA LYS A 46 4.20 22.61 -18.00
C LYS A 46 3.60 21.24 -17.68
N VAL A 47 4.22 20.55 -16.73
CA VAL A 47 3.73 19.23 -16.32
C VAL A 47 2.69 19.39 -15.22
N GLY A 48 1.47 18.93 -15.51
CA GLY A 48 0.42 18.93 -14.51
C GLY A 48 0.15 17.54 -13.96
N THR A 49 -0.71 17.48 -12.94
CA THR A 49 -1.07 16.24 -12.28
C THR A 49 -2.56 16.20 -12.06
N ALA A 50 -3.19 15.11 -12.46
CA ALA A 50 -4.62 14.90 -12.23
C ALA A 50 -4.86 13.79 -11.22
N HIS A 51 -5.60 14.13 -10.16
CA HIS A 51 -6.05 13.18 -9.16
C HIS A 51 -7.56 12.95 -9.27
N ILE A 52 -7.92 11.74 -9.67
CA ILE A 52 -9.31 11.29 -9.76
C ILE A 52 -9.65 10.34 -8.62
N ILE A 53 -10.83 10.52 -8.02
CA ILE A 53 -11.23 9.73 -6.87
C ILE A 53 -12.73 9.42 -6.92
N TYR A 54 -13.10 8.20 -6.54
CA TYR A 54 -14.50 7.86 -6.37
C TYR A 54 -14.71 6.86 -5.25
N ASN A 55 -15.75 7.09 -4.45
CA ASN A 55 -16.21 6.10 -3.49
C ASN A 55 -17.72 5.94 -3.47
N SER A 56 -18.16 4.69 -3.32
CA SER A 56 -19.56 4.32 -3.40
C SER A 56 -20.30 4.69 -2.12
N VAL A 57 -19.57 5.15 -1.11
CA VAL A 57 -20.21 5.56 0.12
C VAL A 57 -20.82 6.94 -0.02
N GLY A 58 -19.98 7.94 -0.22
CA GLY A 58 -20.47 9.28 -0.49
C GLY A 58 -21.08 9.36 -1.87
N LYS A 59 -20.71 8.42 -2.72
CA LYS A 59 -21.17 8.42 -4.10
C LYS A 59 -20.93 9.78 -4.75
N ARG A 60 -19.67 10.21 -4.67
CA ARG A 60 -19.23 11.45 -5.31
C ARG A 60 -17.96 11.19 -6.12
N LEU A 61 -18.03 11.51 -7.40
CA LEU A 61 -16.91 11.37 -8.31
C LEU A 61 -16.16 12.69 -8.42
N SER A 62 -14.96 12.74 -7.85
CA SER A 62 -14.18 13.98 -7.81
C SER A 62 -12.93 13.92 -8.67
N ALA A 63 -12.52 15.08 -9.17
CA ALA A 63 -11.33 15.20 -10.02
C ALA A 63 -10.67 16.55 -9.75
N VAL A 64 -9.34 16.57 -9.75
CA VAL A 64 -8.60 17.82 -9.63
C VAL A 64 -7.33 17.80 -10.48
N VAL A 65 -7.08 18.89 -11.20
CA VAL A 65 -5.84 19.01 -11.97
C VAL A 65 -5.03 20.22 -11.49
N SER A 66 -3.75 19.97 -11.17
CA SER A 66 -2.90 21.01 -10.58
C SER A 66 -1.52 21.08 -11.24
N TYR A 67 -0.89 22.24 -11.13
CA TYR A 67 0.46 22.43 -11.64
C TYR A 67 1.38 22.82 -10.50
N PRO A 68 2.68 22.62 -10.67
CA PRO A 68 3.59 23.25 -9.71
C PRO A 68 3.26 24.75 -9.67
N ASN A 69 3.53 25.41 -8.54
CA ASN A 69 3.11 26.80 -8.30
C ASN A 69 1.71 26.90 -7.69
N GLY A 70 1.00 25.78 -7.64
CA GLY A 70 -0.18 25.66 -6.80
C GLY A 70 -1.52 26.20 -7.26
N ASP A 71 -1.71 26.35 -8.57
CA ASP A 71 -3.04 26.68 -9.07
C ASP A 71 -3.68 25.41 -9.62
N SER A 72 -4.98 25.26 -9.43
CA SER A 72 -5.64 24.02 -9.83
C SER A 72 -7.09 24.21 -10.25
N ALA A 73 -7.71 23.12 -10.67
CA ALA A 73 -9.12 23.11 -10.97
C ALA A 73 -9.76 21.87 -10.37
N THR A 74 -10.98 22.04 -9.85
CA THR A 74 -11.67 21.00 -9.12
C THR A 74 -13.10 20.82 -9.61
N VAL A 75 -13.48 19.57 -9.90
CA VAL A 75 -14.87 19.27 -10.27
C VAL A 75 -15.34 18.00 -9.57
N SER A 76 -16.59 18.01 -9.11
CA SER A 76 -17.16 16.84 -8.47
C SER A 76 -18.58 16.63 -8.97
N TYR A 77 -18.98 15.37 -9.05
CA TYR A 77 -20.31 15.05 -9.53
C TYR A 77 -20.92 13.95 -8.67
N ASP A 78 -22.12 14.18 -8.15
CA ASP A 78 -22.75 13.16 -7.32
C ASP A 78 -23.34 12.10 -8.25
N VAL A 79 -22.82 10.88 -8.15
CA VAL A 79 -23.31 9.79 -8.96
C VAL A 79 -23.03 8.44 -8.30
N ASP A 80 -23.91 7.47 -8.53
CA ASP A 80 -23.66 6.09 -8.12
C ASP A 80 -23.28 5.31 -9.36
N LEU A 81 -22.02 4.91 -9.45
CA LEU A 81 -21.54 4.24 -10.66
C LEU A 81 -22.06 2.79 -10.72
N ASP A 82 -22.66 2.33 -9.63
CA ASP A 82 -23.33 1.03 -9.61
C ASP A 82 -24.31 0.95 -10.75
N ASN A 83 -24.98 2.06 -11.00
CA ASN A 83 -26.07 2.12 -11.97
C ASN A 83 -25.66 2.59 -13.34
N VAL A 84 -24.37 2.89 -13.51
CA VAL A 84 -23.86 3.35 -14.80
C VAL A 84 -23.04 2.27 -15.48
N LEU A 85 -21.92 1.93 -14.86
CA LEU A 85 -20.93 1.05 -15.43
C LEU A 85 -21.24 -0.43 -15.26
N PRO A 86 -20.70 -1.27 -16.16
CA PRO A 86 -20.77 -2.73 -16.03
C PRO A 86 -19.88 -3.18 -14.89
N GLU A 87 -20.20 -4.33 -14.31
CA GLU A 87 -19.45 -4.84 -13.16
C GLU A 87 -17.96 -4.90 -13.48
N TRP A 88 -17.64 -5.48 -14.63
CA TRP A 88 -16.25 -5.57 -15.07
C TRP A 88 -15.96 -4.54 -16.16
N VAL A 89 -14.86 -3.80 -15.99
CA VAL A 89 -14.48 -2.78 -16.96
C VAL A 89 -13.00 -2.84 -17.28
N ARG A 90 -12.57 -1.90 -18.13
CA ARG A 90 -11.16 -1.61 -18.32
C ARG A 90 -10.94 -0.13 -18.09
N VAL A 91 -9.78 0.21 -17.55
CA VAL A 91 -9.43 1.61 -17.29
C VAL A 91 -8.32 2.07 -18.24
N GLY A 92 -8.38 3.34 -18.65
CA GLY A 92 -7.35 3.85 -19.52
C GLY A 92 -7.25 5.35 -19.69
N LEU A 93 -6.38 5.75 -20.61
CA LEU A 93 -6.22 7.15 -21.02
C LEU A 93 -6.53 7.26 -22.51
N SER A 94 -7.08 8.38 -22.94
CA SER A 94 -7.38 8.59 -24.35
C SER A 94 -7.16 10.03 -24.76
N ALA A 95 -6.45 10.24 -25.87
CA ALA A 95 -6.28 11.62 -26.32
C ALA A 95 -6.45 11.78 -27.83
N THR A 96 -6.79 13.00 -28.22
CA THR A 96 -6.99 13.32 -29.62
C THR A 96 -6.51 14.73 -29.96
N THR A 97 -6.27 14.94 -31.24
CA THR A 97 -6.08 16.28 -31.77
C THR A 97 -7.12 16.50 -32.86
N GLY A 98 -7.48 17.76 -33.08
CA GLY A 98 -8.41 18.13 -34.13
C GLY A 98 -7.66 18.77 -35.28
N LEU A 99 -8.33 19.69 -35.96
CA LEU A 99 -7.65 20.57 -36.89
C LEU A 99 -6.46 21.15 -36.13
N TYR A 100 -6.73 21.63 -34.93
CA TYR A 100 -5.66 22.09 -34.05
C TYR A 100 -5.00 20.88 -33.42
N LYS A 101 -3.95 21.12 -32.64
CA LYS A 101 -3.17 20.01 -32.11
C LYS A 101 -2.37 20.39 -30.87
N GLU A 102 -1.66 19.41 -30.33
CA GLU A 102 -0.88 19.58 -29.12
C GLU A 102 -0.24 18.23 -28.83
N THR A 103 0.79 18.23 -27.99
CA THR A 103 1.37 16.98 -27.57
C THR A 103 0.59 16.46 -26.37
N ASN A 104 -0.03 15.30 -26.53
CA ASN A 104 -0.70 14.68 -25.41
C ASN A 104 0.23 13.61 -24.88
N THR A 105 0.86 13.91 -23.75
CA THR A 105 1.99 13.13 -23.25
C THR A 105 1.75 12.74 -21.81
N ILE A 106 2.03 11.48 -21.49
CA ILE A 106 1.79 10.96 -20.16
C ILE A 106 3.09 10.45 -19.54
N LEU A 107 3.50 11.08 -18.45
CA LEU A 107 4.72 10.69 -17.75
C LEU A 107 4.53 9.53 -16.76
N SER A 108 3.41 9.55 -16.04
CA SER A 108 3.11 8.52 -15.05
C SER A 108 1.61 8.34 -14.85
N TRP A 109 1.21 7.12 -14.49
CA TRP A 109 -0.18 6.74 -14.31
C TRP A 109 -0.31 5.70 -13.21
N SER A 110 -1.24 5.87 -12.27
CA SER A 110 -1.42 4.88 -11.21
C SER A 110 -2.89 4.66 -10.90
N PHE A 111 -3.25 3.43 -10.58
CA PHE A 111 -4.64 3.06 -10.36
C PHE A 111 -4.80 2.09 -9.19
N THR A 112 -5.72 2.44 -8.29
CA THR A 112 -6.08 1.63 -7.12
C THR A 112 -7.57 1.35 -7.16
N SER A 113 -7.94 0.11 -6.88
CA SER A 113 -9.33 -0.28 -6.78
C SER A 113 -9.52 -1.29 -5.65
N LYS A 114 -10.49 -1.03 -4.79
CA LYS A 114 -10.77 -1.91 -3.66
C LYS A 114 -12.25 -2.17 -3.48
N LEU A 115 -12.58 -3.46 -3.43
CA LEU A 115 -13.91 -3.96 -3.12
C LEU A 115 -13.89 -4.61 -1.76
N LYS A 116 -14.55 -3.94 -0.81
CA LYS A 116 -14.63 -4.38 0.57
C LYS A 116 -16.06 -4.83 0.81
N SER A 117 -16.21 -6.13 1.05
CA SER A 117 -17.51 -6.76 1.24
C SER A 117 -17.93 -6.69 2.69
N ASN A 118 -19.12 -7.21 2.97
CA ASN A 118 -19.69 -7.20 4.31
C ASN A 118 -19.16 -8.37 5.11
N SER A 119 -18.28 -9.14 4.50
CA SER A 119 -17.62 -10.26 5.16
C SER A 119 -16.43 -9.74 5.96
N THR A 120 -15.56 -10.65 6.40
CA THR A 120 -14.30 -10.28 7.02
C THR A 120 -13.15 -11.08 6.42
N HIS A 121 -12.18 -10.41 5.78
CA HIS A 121 -12.12 -8.95 5.69
C HIS A 121 -13.36 -8.30 5.06
N GLU A 122 -13.64 -8.56 3.78
CA GLU A 122 -12.79 -9.31 2.86
C GLU A 122 -12.48 -8.41 1.68
N THR A 123 -11.21 -8.15 1.43
CA THR A 123 -10.84 -7.14 0.45
C THR A 123 -10.25 -7.70 -0.84
N ASN A 124 -10.93 -7.48 -1.96
CA ASN A 124 -10.29 -7.73 -3.25
C ASN A 124 -9.74 -6.40 -3.75
N ALA A 125 -8.55 -6.42 -4.34
CA ALA A 125 -7.96 -5.17 -4.80
C ALA A 125 -7.01 -5.30 -5.99
N LEU A 126 -6.99 -4.28 -6.84
CA LEU A 126 -5.97 -4.15 -7.86
C LEU A 126 -5.27 -2.82 -7.74
N HIS A 127 -3.96 -2.82 -7.80
CA HIS A 127 -3.19 -1.59 -7.80
C HIS A 127 -2.06 -1.71 -8.82
N PHE A 128 -1.96 -0.74 -9.72
CA PHE A 128 -0.82 -0.68 -10.63
C PHE A 128 -0.25 0.74 -10.73
N MET A 129 1.05 0.85 -10.92
CA MET A 129 1.73 2.14 -10.96
C MET A 129 2.80 2.15 -12.06
N PHE A 130 2.69 3.08 -12.99
CA PHE A 130 3.68 3.29 -14.05
C PHE A 130 4.32 4.65 -13.85
N ASN A 131 5.57 4.68 -13.40
CA ASN A 131 6.28 5.96 -13.34
C ASN A 131 7.19 6.13 -14.55
N GLN A 132 7.27 5.09 -15.37
CA GLN A 132 7.79 5.19 -16.73
C GLN A 132 7.31 4.00 -17.58
N PHE A 133 7.31 4.18 -18.89
CA PHE A 133 6.81 3.16 -19.82
C PHE A 133 7.91 2.61 -20.72
N SER A 134 8.09 1.29 -20.72
CA SER A 134 9.13 0.66 -21.52
C SER A 134 8.74 0.70 -23.00
N LYS A 135 9.62 0.19 -23.85
CA LYS A 135 9.36 0.19 -25.28
C LYS A 135 8.12 -0.64 -25.59
N ASP A 136 8.12 -1.89 -25.16
CA ASP A 136 6.97 -2.76 -25.34
C ASP A 136 6.36 -3.09 -23.97
N GLN A 137 5.22 -2.49 -23.67
CA GLN A 137 4.63 -2.62 -22.35
C GLN A 137 3.55 -3.67 -22.45
N LYS A 138 3.80 -4.84 -21.89
CA LYS A 138 2.91 -5.99 -22.10
C LYS A 138 1.64 -5.89 -21.26
N ASP A 139 1.70 -5.07 -20.21
CA ASP A 139 0.54 -4.90 -19.34
C ASP A 139 -0.32 -3.72 -19.79
N LEU A 140 0.06 -3.13 -20.92
CA LEU A 140 -0.72 -2.07 -21.54
C LEU A 140 -1.27 -2.48 -22.90
N ILE A 141 -2.48 -2.02 -23.20
CA ILE A 141 -3.11 -2.21 -24.50
C ILE A 141 -3.14 -0.87 -25.23
N LEU A 142 -2.32 -0.74 -26.26
CA LEU A 142 -2.29 0.50 -27.02
C LEU A 142 -3.24 0.42 -28.20
N GLN A 143 -4.01 1.49 -28.37
CA GLN A 143 -4.96 1.62 -29.45
C GLN A 143 -4.65 2.91 -30.19
N GLY A 144 -5.05 2.98 -31.45
CA GLY A 144 -4.80 4.15 -32.27
C GLY A 144 -3.31 4.44 -32.41
N ASP A 145 -2.94 5.71 -32.26
CA ASP A 145 -1.57 6.16 -32.48
C ASP A 145 -0.74 6.17 -31.20
N ALA A 146 -1.31 5.71 -30.10
CA ALA A 146 -0.58 5.66 -28.84
C ALA A 146 0.66 4.75 -28.91
N THR A 147 1.82 5.30 -28.53
CA THR A 147 3.05 4.53 -28.48
C THR A 147 3.82 4.81 -27.19
N THR A 148 4.75 3.94 -26.86
CA THR A 148 5.56 4.10 -25.65
C THR A 148 7.04 4.15 -25.96
N GLY A 149 7.81 4.70 -25.04
CA GLY A 149 9.28 4.63 -25.12
C GLY A 149 9.93 5.82 -25.82
N ARG A 150 11.26 5.76 -25.96
CA ARG A 150 11.99 6.87 -26.57
C ARG A 150 11.74 8.15 -25.79
N ASP A 151 12.43 8.32 -24.65
CA ASP A 151 12.07 9.21 -23.54
C ASP A 151 11.41 8.56 -22.32
N GLY A 152 11.05 7.28 -22.44
CA GLY A 152 10.44 6.56 -21.33
C GLY A 152 9.01 6.96 -21.04
N ASN A 153 8.39 7.64 -21.99
CA ASN A 153 7.03 8.15 -21.81
C ASN A 153 6.03 7.45 -22.73
N LEU A 154 4.79 7.88 -22.63
CA LEU A 154 3.73 7.41 -23.51
C LEU A 154 3.16 8.59 -24.27
N GLU A 155 3.09 8.47 -25.59
CA GLU A 155 2.51 9.51 -26.42
C GLU A 155 1.15 9.04 -26.93
N LEU A 156 0.08 9.72 -26.55
CA LEU A 156 -1.27 9.29 -26.86
C LEU A 156 -1.66 9.61 -28.30
N THR A 157 -1.14 10.70 -28.82
CA THR A 157 -1.39 11.04 -30.22
C THR A 157 -0.06 11.04 -30.98
N ARG A 158 -0.15 10.91 -32.30
CA ARG A 158 1.03 10.82 -33.15
C ARG A 158 1.93 12.06 -32.99
N VAL A 159 3.21 11.81 -32.71
CA VAL A 159 4.22 12.87 -32.67
C VAL A 159 5.40 12.45 -33.52
N SER A 160 5.95 13.40 -34.28
CA SER A 160 7.00 13.09 -35.25
C SER A 160 8.36 12.84 -34.60
N SER A 161 9.38 12.68 -35.44
CA SER A 161 10.73 12.44 -34.97
C SER A 161 11.38 13.69 -34.40
N ASN A 162 10.88 14.86 -34.78
CA ASN A 162 11.41 16.11 -34.27
C ASN A 162 10.72 16.56 -32.99
N GLY A 163 9.61 15.92 -32.66
CA GLY A 163 8.88 16.21 -31.43
C GLY A 163 7.63 17.04 -31.61
N SER A 164 7.25 17.30 -32.86
CA SER A 164 6.08 18.11 -33.17
C SER A 164 4.80 17.28 -33.17
N PRO A 165 3.71 17.83 -32.61
CA PRO A 165 2.42 17.13 -32.52
C PRO A 165 1.70 17.08 -33.87
N GLN A 166 0.77 16.15 -34.01
CA GLN A 166 0.03 15.99 -35.26
C GLN A 166 -1.46 16.19 -35.08
N GLY A 167 -2.15 16.52 -36.17
CA GLY A 167 -3.58 16.77 -36.12
C GLY A 167 -4.42 15.56 -36.48
N SER A 168 -5.71 15.64 -36.17
CA SER A 168 -6.66 14.56 -36.44
C SER A 168 -6.12 13.21 -35.99
N SER A 169 -5.34 13.22 -34.92
CA SER A 169 -4.73 12.02 -34.38
C SER A 169 -5.51 11.55 -33.16
N VAL A 170 -5.62 10.23 -32.99
CA VAL A 170 -6.32 9.66 -31.84
C VAL A 170 -5.61 8.44 -31.31
N GLY A 171 -5.50 8.34 -29.98
CA GLY A 171 -4.92 7.15 -29.39
C GLY A 171 -5.32 6.86 -27.96
N ARG A 172 -5.26 5.58 -27.58
CA ARG A 172 -5.68 5.16 -26.25
C ARG A 172 -4.70 4.18 -25.61
N ALA A 173 -4.65 4.20 -24.27
CA ALA A 173 -3.86 3.23 -23.53
C ALA A 173 -4.72 2.62 -22.42
N LEU A 174 -4.97 1.32 -22.48
CA LEU A 174 -5.78 0.68 -21.47
C LEU A 174 -4.93 -0.28 -20.66
N PHE A 175 -5.34 -0.57 -19.44
CA PHE A 175 -4.64 -1.60 -18.68
C PHE A 175 -5.07 -2.97 -19.18
N TYR A 176 -4.10 -3.87 -19.38
CA TYR A 176 -4.36 -5.19 -19.91
C TYR A 176 -5.48 -5.92 -19.14
N ALA A 177 -5.34 -5.99 -17.83
CA ALA A 177 -6.29 -6.71 -16.99
C ALA A 177 -7.64 -6.01 -16.88
N PRO A 178 -8.73 -6.78 -17.01
CA PRO A 178 -10.07 -6.27 -16.71
C PRO A 178 -10.20 -6.05 -15.21
N VAL A 179 -10.72 -4.89 -14.81
CA VAL A 179 -10.84 -4.58 -13.39
C VAL A 179 -12.26 -4.81 -12.89
N HIS A 180 -12.39 -5.32 -11.67
CA HIS A 180 -13.70 -5.54 -11.11
C HIS A 180 -14.01 -4.26 -10.38
N ILE A 181 -14.90 -3.46 -10.96
CA ILE A 181 -15.16 -2.11 -10.48
C ILE A 181 -16.16 -2.04 -9.33
N TRP A 182 -17.12 -2.96 -9.32
CA TRP A 182 -18.10 -3.03 -8.23
C TRP A 182 -18.75 -4.41 -8.10
N GLU A 183 -19.41 -4.63 -6.96
CA GLU A 183 -20.14 -5.87 -6.74
C GLU A 183 -21.35 -5.64 -5.84
N SER A 184 -22.35 -6.51 -5.95
CA SER A 184 -23.59 -6.38 -5.17
C SER A 184 -23.37 -6.59 -3.67
N SER A 185 -22.39 -7.43 -3.32
CA SER A 185 -22.11 -7.72 -1.92
C SER A 185 -21.09 -6.77 -1.32
N ALA A 186 -20.64 -5.79 -2.10
CA ALA A 186 -19.61 -4.86 -1.66
C ALA A 186 -20.22 -3.70 -0.86
N VAL A 187 -19.81 -3.59 0.39
CA VAL A 187 -20.23 -2.47 1.22
C VAL A 187 -19.53 -1.20 0.75
N VAL A 188 -18.27 -1.32 0.35
CA VAL A 188 -17.61 -0.18 -0.26
C VAL A 188 -16.81 -0.57 -1.48
N ALA A 189 -17.02 0.16 -2.56
CA ALA A 189 -16.24 -0.05 -3.77
C ALA A 189 -15.65 1.29 -4.17
N SER A 190 -14.32 1.41 -4.08
CA SER A 190 -13.74 2.71 -4.38
C SER A 190 -12.50 2.60 -5.25
N PHE A 191 -12.27 3.63 -6.05
CA PHE A 191 -11.08 3.67 -6.87
C PHE A 191 -10.44 5.05 -6.92
N ASP A 192 -9.11 5.03 -7.03
CA ASP A 192 -8.32 6.25 -7.16
C ASP A 192 -7.44 6.07 -8.40
N ALA A 193 -7.30 7.13 -9.18
CA ALA A 193 -6.44 7.08 -10.35
C ALA A 193 -5.73 8.40 -10.45
N THR A 194 -4.42 8.37 -10.64
CA THR A 194 -3.66 9.60 -10.76
C THR A 194 -2.79 9.55 -12.01
N PHE A 195 -2.54 10.69 -12.63
CA PHE A 195 -1.54 10.72 -13.71
C PHE A 195 -0.92 12.09 -13.93
N THR A 196 0.30 12.12 -14.47
CA THR A 196 0.91 13.41 -14.79
C THR A 196 1.03 13.56 -16.30
N PHE A 197 0.99 14.80 -16.76
CA PHE A 197 1.00 15.05 -18.19
C PHE A 197 1.82 16.28 -18.55
N LEU A 198 2.19 16.36 -19.83
CA LEU A 198 2.78 17.56 -20.39
C LEU A 198 2.08 17.86 -21.71
N ILE A 199 1.40 19.01 -21.75
CA ILE A 199 0.75 19.43 -22.97
C ILE A 199 1.45 20.64 -23.58
N LYS A 200 2.09 20.40 -24.73
CA LYS A 200 2.85 21.41 -25.44
C LYS A 200 2.22 21.63 -26.80
N SER A 201 1.90 22.88 -27.12
CA SER A 201 1.35 23.22 -28.42
C SER A 201 2.04 24.43 -29.02
N SER A 202 2.45 24.32 -30.28
CA SER A 202 3.10 25.42 -30.97
C SER A 202 2.11 26.54 -31.25
N ASP A 203 0.99 26.18 -31.85
CA ASP A 203 -0.05 27.13 -32.21
C ASP A 203 -0.74 27.73 -30.99
N SER A 204 -1.38 28.87 -31.18
CA SER A 204 -2.06 29.58 -30.10
C SER A 204 -3.21 28.78 -29.47
N HIS A 205 -3.72 27.79 -30.19
CA HIS A 205 -4.87 27.03 -29.71
C HIS A 205 -4.62 25.53 -29.66
N PRO A 206 -4.15 25.02 -28.52
CA PRO A 206 -3.97 23.57 -28.32
C PRO A 206 -5.29 22.80 -28.36
N ALA A 207 -5.25 21.58 -28.88
CA ALA A 207 -6.44 20.74 -29.00
C ALA A 207 -6.09 19.27 -29.10
N ASP A 208 -7.08 18.39 -28.89
CA ASP A 208 -8.33 18.76 -28.25
C ASP A 208 -8.38 18.42 -26.76
N GLY A 209 -7.43 17.63 -26.28
CA GLY A 209 -7.43 17.27 -24.86
C GLY A 209 -6.88 15.90 -24.47
N ILE A 210 -7.07 15.56 -23.20
CA ILE A 210 -6.65 14.28 -22.63
C ILE A 210 -7.73 13.77 -21.69
N ALA A 211 -7.92 12.46 -21.63
CA ALA A 211 -9.02 11.93 -20.85
C ALA A 211 -8.63 10.69 -20.05
N PHE A 212 -9.13 10.59 -18.83
CA PHE A 212 -9.05 9.32 -18.12
C PHE A 212 -10.44 8.70 -18.21
N PHE A 213 -10.50 7.42 -18.59
CA PHE A 213 -11.79 6.77 -18.80
C PHE A 213 -11.90 5.34 -18.26
N ILE A 214 -13.16 4.89 -18.20
CA ILE A 214 -13.53 3.54 -17.78
C ILE A 214 -14.57 3.02 -18.77
N SER A 215 -14.35 1.82 -19.30
CA SER A 215 -15.15 1.30 -20.40
C SER A 215 -15.48 -0.17 -20.24
N ASN A 216 -16.37 -0.68 -21.09
CA ASN A 216 -16.59 -2.12 -21.17
C ASN A 216 -15.31 -2.79 -21.65
N ILE A 217 -15.13 -4.07 -21.35
CA ILE A 217 -13.86 -4.75 -21.61
C ILE A 217 -13.44 -4.78 -23.08
N ASP A 218 -14.41 -4.89 -24.00
CA ASP A 218 -14.12 -4.94 -25.42
C ASP A 218 -14.14 -3.56 -26.07
N SER A 219 -14.28 -2.53 -25.22
CA SER A 219 -14.29 -1.16 -25.70
C SER A 219 -13.06 -0.82 -26.54
N SER A 220 -13.31 -0.28 -27.72
CA SER A 220 -12.26 0.21 -28.60
C SER A 220 -12.66 1.57 -29.14
N ILE A 221 -11.72 2.26 -29.77
CA ILE A 221 -11.97 3.58 -30.32
C ILE A 221 -13.12 3.56 -31.31
N PRO A 222 -14.10 4.46 -31.13
CA PRO A 222 -15.22 4.59 -32.06
C PRO A 222 -14.76 5.28 -33.35
N SER A 223 -15.52 5.12 -34.42
CA SER A 223 -15.16 5.69 -35.71
C SER A 223 -15.37 7.20 -35.74
N GLY A 224 -14.34 7.93 -36.15
CA GLY A 224 -14.40 9.38 -36.26
C GLY A 224 -14.40 10.11 -34.94
N SER A 225 -13.72 9.54 -33.94
CA SER A 225 -13.73 10.09 -32.59
C SER A 225 -12.58 11.05 -32.29
N THR A 226 -11.78 11.38 -33.31
CA THR A 226 -10.66 12.29 -33.13
C THR A 226 -11.19 13.70 -32.88
N GLY A 227 -10.27 14.64 -32.73
CA GLY A 227 -10.64 16.03 -32.48
C GLY A 227 -11.48 16.22 -31.23
N ARG A 228 -12.65 16.81 -31.40
CA ARG A 228 -13.51 17.22 -30.28
C ARG A 228 -14.10 16.05 -29.49
N LEU A 229 -14.27 14.90 -30.13
CA LEU A 229 -14.87 13.74 -29.44
C LEU A 229 -13.88 13.04 -28.51
N LEU A 230 -12.63 13.47 -28.54
CA LEU A 230 -11.64 13.00 -27.57
C LEU A 230 -11.43 11.48 -27.59
N GLY A 231 -11.74 10.85 -28.72
CA GLY A 231 -11.50 9.43 -28.87
C GLY A 231 -12.28 8.60 -27.88
N LEU A 232 -13.45 9.11 -27.52
CA LEU A 232 -14.29 8.51 -26.50
C LEU A 232 -15.64 8.08 -27.07
N PHE A 233 -16.36 9.04 -27.62
CA PHE A 233 -17.73 8.81 -28.06
C PHE A 233 -17.86 8.81 -29.57
N PRO A 234 -18.84 8.04 -30.10
CA PRO A 234 -19.12 7.92 -31.52
C PRO A 234 -19.65 9.22 -32.08
N ASP A 235 -20.52 9.85 -31.30
CA ASP A 235 -21.27 11.02 -31.75
C ASP A 235 -21.24 12.10 -30.68
N ALA A 236 -21.66 13.30 -31.05
CA ALA A 236 -21.61 14.46 -30.16
C ALA A 236 -22.84 14.55 -29.25
N ASN A 237 -23.79 13.62 -29.40
CA ASN A 237 -25.02 13.65 -28.62
C ASN A 237 -24.78 13.47 -27.12
N ALA B 1 10.60 -25.41 -24.44
CA ALA B 1 9.96 -25.61 -23.14
C ALA B 1 9.92 -24.31 -22.34
N ASP B 2 8.89 -24.18 -21.50
CA ASP B 2 8.71 -22.99 -20.68
C ASP B 2 9.83 -22.86 -19.64
N THR B 3 10.05 -21.64 -19.16
CA THR B 3 11.01 -21.42 -18.07
C THR B 3 10.27 -21.18 -16.76
N ILE B 4 10.35 -22.16 -15.86
CA ILE B 4 9.56 -22.15 -14.64
C ILE B 4 10.41 -21.94 -13.40
N VAL B 5 9.90 -21.11 -12.50
CA VAL B 5 10.46 -20.96 -11.16
C VAL B 5 9.31 -21.13 -10.20
N ALA B 6 9.37 -22.12 -9.32
CA ALA B 6 8.20 -22.46 -8.52
C ALA B 6 8.50 -22.78 -7.06
N VAL B 7 7.52 -22.52 -6.20
CA VAL B 7 7.61 -22.96 -4.82
C VAL B 7 6.58 -24.04 -4.62
N GLU B 8 7.07 -25.24 -4.31
CA GLU B 8 6.21 -26.41 -4.21
C GLU B 8 5.93 -26.80 -2.77
N LEU B 9 4.65 -27.02 -2.48
CA LEU B 9 4.21 -27.68 -1.27
C LEU B 9 3.87 -29.09 -1.70
N ASP B 10 4.72 -30.03 -1.30
CA ASP B 10 4.65 -31.40 -1.80
C ASP B 10 4.08 -32.33 -0.75
N THR B 11 2.88 -32.82 -1.01
CA THR B 11 2.19 -33.73 -0.12
C THR B 11 2.62 -35.19 -0.28
N TYR B 12 2.86 -35.59 -1.53
CA TYR B 12 3.22 -36.97 -1.83
C TYR B 12 4.66 -37.12 -2.30
N PRO B 13 5.46 -37.87 -1.53
CA PRO B 13 6.89 -38.11 -1.69
C PRO B 13 7.26 -39.07 -2.81
N ASN B 14 7.45 -38.58 -4.04
CA ASN B 14 7.91 -39.47 -5.10
C ASN B 14 9.42 -39.51 -5.00
N THR B 15 9.95 -40.65 -4.57
CA THR B 15 11.39 -40.79 -4.32
C THR B 15 12.19 -41.08 -5.58
N ASP B 16 11.60 -41.89 -6.46
CA ASP B 16 12.22 -42.25 -7.72
C ASP B 16 12.63 -41.02 -8.55
N ILE B 17 11.92 -39.92 -8.36
CA ILE B 17 12.21 -38.67 -9.07
C ILE B 17 13.06 -37.68 -8.29
N GLY B 18 13.52 -38.09 -7.11
CA GLY B 18 14.47 -37.28 -6.35
C GLY B 18 13.97 -36.63 -5.08
N ASP B 19 12.68 -36.71 -4.83
CA ASP B 19 12.10 -36.15 -3.60
C ASP B 19 12.65 -36.79 -2.34
N PRO B 20 12.56 -36.07 -1.21
CA PRO B 20 12.74 -36.65 0.12
C PRO B 20 11.54 -37.50 0.52
N SER B 21 11.70 -38.33 1.54
CA SER B 21 10.70 -39.35 1.88
C SER B 21 9.55 -38.80 2.70
N TYR B 22 9.57 -37.49 2.92
CA TYR B 22 8.54 -36.82 3.72
C TYR B 22 7.92 -35.66 2.97
N PRO B 23 6.67 -35.31 3.32
CA PRO B 23 6.04 -34.08 2.80
C PRO B 23 6.95 -32.88 3.02
N HIS B 24 7.14 -32.08 1.97
CA HIS B 24 8.21 -31.10 1.99
C HIS B 24 7.88 -29.89 1.13
N ILE B 25 8.46 -28.75 1.48
CA ILE B 25 8.38 -27.59 0.60
C ILE B 25 9.71 -27.46 -0.13
N GLY B 26 9.66 -26.98 -1.36
CA GLY B 26 10.88 -26.87 -2.13
C GLY B 26 10.89 -25.69 -3.07
N ILE B 27 12.09 -25.35 -3.52
CA ILE B 27 12.31 -24.28 -4.49
C ILE B 27 12.82 -24.86 -5.80
N ASP B 28 12.00 -24.77 -6.85
CA ASP B 28 12.32 -25.38 -8.14
C ASP B 28 12.71 -24.36 -9.18
N ILE B 29 13.95 -24.46 -9.65
CA ILE B 29 14.35 -23.67 -10.81
C ILE B 29 14.43 -24.57 -12.03
N LYS B 30 13.44 -24.43 -12.91
CA LYS B 30 13.43 -25.09 -14.21
C LYS B 30 13.58 -26.61 -14.10
N SER B 31 13.26 -27.17 -12.94
CA SER B 31 13.26 -28.61 -12.79
C SER B 31 12.33 -29.06 -11.67
N VAL B 32 11.73 -30.24 -11.84
CA VAL B 32 10.86 -30.80 -10.82
C VAL B 32 11.68 -31.15 -9.58
N ARG B 33 13.00 -31.20 -9.75
CA ARG B 33 13.87 -31.56 -8.65
C ARG B 33 14.30 -30.30 -7.93
N SER B 34 13.78 -30.12 -6.72
CA SER B 34 14.01 -28.89 -5.97
C SER B 34 15.49 -28.68 -5.69
N LYS B 35 15.91 -27.42 -5.74
CA LYS B 35 17.29 -27.08 -5.40
C LYS B 35 17.42 -27.06 -3.89
N LYS B 36 16.36 -26.64 -3.22
CA LYS B 36 16.34 -26.57 -1.76
C LYS B 36 14.99 -27.04 -1.24
N THR B 37 15.01 -27.95 -0.26
CA THR B 37 13.77 -28.43 0.33
C THR B 37 13.83 -28.35 1.85
N ALA B 38 12.66 -28.42 2.47
CA ALA B 38 12.54 -28.44 3.91
C ALA B 38 11.41 -29.39 4.28
N LYS B 39 11.55 -30.05 5.42
CA LYS B 39 10.53 -30.97 5.91
C LYS B 39 9.31 -30.18 6.39
N TRP B 40 8.15 -30.67 5.99
CA TRP B 40 6.91 -29.97 6.28
C TRP B 40 5.88 -30.95 6.81
N ASN B 41 5.35 -30.65 8.00
CA ASN B 41 4.33 -31.52 8.58
C ASN B 41 2.97 -30.92 8.32
N MET B 42 2.23 -31.53 7.40
CA MET B 42 0.95 -30.99 6.98
C MET B 42 -0.14 -31.38 7.97
N GLN B 43 -0.99 -30.43 8.30
CA GLN B 43 -2.13 -30.70 9.16
C GLN B 43 -3.36 -30.80 8.29
N ASN B 44 -3.85 -32.03 8.12
CA ASN B 44 -4.97 -32.29 7.23
C ASN B 44 -6.28 -31.67 7.71
N GLY B 45 -6.92 -30.89 6.85
CA GLY B 45 -8.20 -30.29 7.15
C GLY B 45 -8.08 -28.90 7.75
N LYS B 46 -6.90 -28.32 7.68
CA LYS B 46 -6.65 -27.01 8.29
C LYS B 46 -6.29 -25.97 7.23
N VAL B 47 -6.47 -24.71 7.56
CA VAL B 47 -6.17 -23.65 6.62
C VAL B 47 -4.75 -23.13 6.83
N GLY B 48 -3.89 -23.41 5.85
CA GLY B 48 -2.50 -23.00 5.91
C GLY B 48 -2.25 -21.71 5.15
N THR B 49 -1.07 -21.15 5.36
CA THR B 49 -0.68 -19.89 4.74
C THR B 49 0.75 -19.97 4.23
N ALA B 50 0.97 -19.50 3.01
CA ALA B 50 2.30 -19.53 2.43
C ALA B 50 2.77 -18.15 1.99
N HIS B 51 3.89 -17.73 2.56
CA HIS B 51 4.54 -16.47 2.23
C HIS B 51 5.80 -16.71 1.41
N ILE B 52 5.79 -16.21 0.18
CA ILE B 52 6.94 -16.25 -0.72
C ILE B 52 7.50 -14.85 -0.91
N ILE B 53 8.82 -14.73 -0.86
CA ILE B 53 9.47 -13.42 -0.87
C ILE B 53 10.75 -13.42 -1.71
N TYR B 54 10.98 -12.30 -2.41
CA TYR B 54 12.26 -12.05 -3.08
C TYR B 54 12.60 -10.57 -3.25
N ASN B 55 13.91 -10.28 -3.24
CA ASN B 55 14.45 -8.98 -3.60
C ASN B 55 15.77 -9.13 -4.35
N SER B 56 15.97 -8.30 -5.37
CA SER B 56 17.16 -8.41 -6.22
C SER B 56 18.45 -8.03 -5.49
N VAL B 57 18.31 -7.41 -4.32
CA VAL B 57 19.46 -7.00 -3.53
C VAL B 57 20.14 -8.19 -2.85
N GLY B 58 19.45 -8.78 -1.88
CA GLY B 58 19.96 -9.95 -1.19
C GLY B 58 20.04 -11.15 -2.11
N LYS B 59 19.29 -11.10 -3.21
CA LYS B 59 19.28 -12.18 -4.19
C LYS B 59 18.96 -13.52 -3.53
N ARG B 60 18.16 -13.49 -2.46
CA ARG B 60 17.74 -14.71 -1.78
C ARG B 60 16.25 -14.92 -1.95
N LEU B 61 15.89 -16.14 -2.33
CA LEU B 61 14.50 -16.49 -2.58
C LEU B 61 13.97 -17.28 -1.38
N SER B 62 12.95 -16.77 -0.71
CA SER B 62 12.50 -17.39 0.53
C SER B 62 11.03 -17.82 0.58
N ALA B 63 10.77 -18.91 1.32
CA ALA B 63 9.42 -19.46 1.44
C ALA B 63 9.09 -19.97 2.85
N VAL B 64 7.88 -19.66 3.33
CA VAL B 64 7.41 -20.19 4.61
C VAL B 64 5.95 -20.65 4.54
N VAL B 65 5.67 -21.81 5.11
CA VAL B 65 4.29 -22.31 5.21
C VAL B 65 3.90 -22.55 6.66
N SER B 66 2.81 -21.93 7.10
CA SER B 66 2.42 -21.96 8.50
C SER B 66 0.95 -22.26 8.76
N TYR B 67 0.69 -22.84 9.93
CA TYR B 67 -0.68 -23.03 10.39
C TYR B 67 -0.93 -22.30 11.71
N PRO B 68 -2.18 -21.88 11.92
CA PRO B 68 -2.44 -21.24 13.21
C PRO B 68 -2.00 -22.22 14.26
N ASN B 69 -1.73 -21.70 15.45
CA ASN B 69 -1.19 -22.46 16.56
C ASN B 69 0.32 -22.69 16.51
N GLY B 70 0.97 -22.53 15.36
CA GLY B 70 2.39 -22.81 15.37
C GLY B 70 2.88 -23.40 14.08
N ASP B 71 3.96 -24.16 14.15
CA ASP B 71 4.23 -25.15 13.13
C ASP B 71 4.41 -24.62 11.71
N SER B 72 5.56 -24.02 11.43
CA SER B 72 5.88 -23.58 10.07
C SER B 72 7.09 -24.32 9.49
N ALA B 73 7.19 -24.34 8.16
CA ALA B 73 8.35 -24.90 7.48
C ALA B 73 8.99 -23.86 6.57
N THR B 74 10.31 -23.75 6.64
CA THR B 74 11.03 -22.70 5.93
C THR B 74 12.03 -23.27 4.93
N VAL B 75 12.08 -22.67 3.74
CA VAL B 75 13.09 -22.99 2.76
C VAL B 75 13.58 -21.72 2.08
N SER B 76 14.85 -21.65 1.75
CA SER B 76 15.40 -20.47 1.09
C SER B 76 16.55 -20.83 0.16
N TYR B 77 16.63 -20.14 -0.97
CA TYR B 77 17.63 -20.44 -1.99
C TYR B 77 18.24 -19.16 -2.53
N ASP B 78 19.56 -19.08 -2.53
CA ASP B 78 20.23 -17.89 -3.06
C ASP B 78 20.24 -17.96 -4.57
N VAL B 79 19.58 -17.01 -5.21
CA VAL B 79 19.50 -17.00 -6.66
C VAL B 79 19.32 -15.58 -7.19
N ASP B 80 19.93 -15.30 -8.33
CA ASP B 80 19.68 -14.04 -9.02
C ASP B 80 18.74 -14.36 -10.18
N LEU B 81 17.50 -13.92 -10.06
CA LEU B 81 16.44 -14.33 -10.99
C LEU B 81 16.48 -13.55 -12.30
N ASP B 82 17.34 -12.53 -12.36
CA ASP B 82 17.59 -11.82 -13.59
C ASP B 82 18.14 -12.77 -14.64
N ASN B 83 18.79 -13.83 -14.16
CA ASN B 83 19.48 -14.77 -15.02
C ASN B 83 18.67 -16.03 -15.34
N VAL B 84 17.47 -16.13 -14.78
CA VAL B 84 16.63 -17.32 -14.98
C VAL B 84 15.37 -16.98 -15.78
N LEU B 85 14.54 -16.11 -15.22
CA LEU B 85 13.28 -15.72 -15.85
C LEU B 85 13.46 -14.65 -16.93
N PRO B 86 12.53 -14.62 -17.89
CA PRO B 86 12.45 -13.52 -18.86
C PRO B 86 11.95 -12.23 -18.19
N GLU B 87 12.15 -11.10 -18.86
CA GLU B 87 11.77 -9.80 -18.32
C GLU B 87 10.26 -9.70 -18.09
N TRP B 88 9.48 -10.27 -19.01
CA TRP B 88 8.03 -10.29 -18.89
C TRP B 88 7.47 -11.69 -18.66
N VAL B 89 6.74 -11.86 -17.56
CA VAL B 89 6.25 -13.16 -17.16
C VAL B 89 4.81 -13.11 -16.65
N ARG B 90 4.27 -14.27 -16.32
CA ARG B 90 2.96 -14.38 -15.70
C ARG B 90 3.07 -15.26 -14.46
N VAL B 91 2.36 -14.87 -13.42
CA VAL B 91 2.40 -15.59 -12.15
C VAL B 91 1.09 -16.36 -11.98
N GLY B 92 1.16 -17.49 -11.28
CA GLY B 92 -0.04 -18.25 -11.01
C GLY B 92 0.10 -19.31 -9.92
N LEU B 93 -0.95 -20.11 -9.77
CA LEU B 93 -0.99 -21.21 -8.83
C LEU B 93 -1.33 -22.50 -9.58
N SER B 94 -0.72 -23.62 -9.19
CA SER B 94 -0.96 -24.88 -9.88
C SER B 94 -1.14 -26.00 -8.88
N ALA B 95 -1.95 -27.00 -9.22
CA ALA B 95 -2.09 -28.16 -8.35
C ALA B 95 -2.49 -29.43 -9.11
N THR B 96 -2.14 -30.58 -8.52
CA THR B 96 -2.45 -31.87 -9.12
C THR B 96 -2.79 -32.98 -8.11
N THR B 97 -3.35 -34.06 -8.65
CA THR B 97 -3.56 -35.30 -7.93
C THR B 97 -3.28 -36.44 -8.90
N GLY B 98 -2.42 -37.37 -8.48
CA GLY B 98 -2.14 -38.57 -9.25
C GLY B 98 -2.99 -39.71 -8.73
N LEU B 99 -2.46 -40.92 -8.74
CA LEU B 99 -3.15 -42.07 -8.16
C LEU B 99 -3.65 -41.73 -6.76
N TYR B 100 -2.91 -40.89 -6.05
CA TYR B 100 -3.38 -40.33 -4.78
C TYR B 100 -3.89 -38.92 -4.99
N LYS B 101 -4.93 -38.57 -4.27
CA LYS B 101 -5.59 -37.30 -4.49
C LYS B 101 -5.67 -36.44 -3.22
N GLU B 102 -6.30 -35.29 -3.35
CA GLU B 102 -6.51 -34.38 -2.23
C GLU B 102 -7.19 -33.14 -2.79
N THR B 103 -7.79 -32.34 -1.92
CA THR B 103 -8.39 -31.09 -2.36
C THR B 103 -7.38 -29.95 -2.27
N ASN B 104 -7.02 -29.39 -3.41
CA ASN B 104 -6.13 -28.23 -3.41
C ASN B 104 -6.97 -26.97 -3.62
N THR B 105 -7.17 -26.23 -2.53
CA THR B 105 -8.17 -25.17 -2.47
C THR B 105 -7.60 -23.86 -1.95
N ILE B 106 -7.88 -22.77 -2.66
CA ILE B 106 -7.30 -21.47 -2.35
C ILE B 106 -8.33 -20.47 -1.82
N LEU B 107 -8.21 -20.10 -0.55
CA LEU B 107 -9.09 -19.11 0.05
C LEU B 107 -8.68 -17.67 -0.25
N SER B 108 -7.37 -17.42 -0.36
CA SER B 108 -6.88 -16.08 -0.68
C SER B 108 -5.54 -16.09 -1.42
N TRP B 109 -5.39 -15.16 -2.35
CA TRP B 109 -4.13 -15.01 -3.08
C TRP B 109 -3.77 -13.54 -3.32
N SER B 110 -2.63 -13.09 -2.83
CA SER B 110 -2.19 -11.74 -3.17
C SER B 110 -0.76 -11.67 -3.73
N PHE B 111 -0.52 -10.65 -4.55
CA PHE B 111 0.75 -10.46 -5.26
C PHE B 111 1.19 -8.99 -5.32
N THR B 112 2.47 -8.76 -5.04
CA THR B 112 3.04 -7.41 -5.09
C THR B 112 4.39 -7.42 -5.78
N SER B 113 4.49 -6.72 -6.90
CA SER B 113 5.74 -6.61 -7.65
C SER B 113 6.15 -5.15 -7.75
N LYS B 114 7.39 -4.87 -7.34
CA LYS B 114 7.90 -3.51 -7.37
C LYS B 114 9.21 -3.41 -8.15
N LEU B 115 9.25 -2.49 -9.11
CA LEU B 115 10.47 -2.14 -9.81
C LEU B 115 10.85 -0.71 -9.45
N LYS B 116 11.93 -0.58 -8.68
CA LYS B 116 12.47 0.72 -8.30
C LYS B 116 13.78 0.98 -9.03
N SER B 117 13.82 2.07 -9.78
CA SER B 117 14.96 2.40 -10.64
C SER B 117 15.94 3.40 -10.02
N ASN B 118 17.01 3.71 -10.75
CA ASN B 118 18.04 4.62 -10.28
C ASN B 118 17.66 6.08 -10.49
N SER B 119 16.50 6.30 -11.12
CA SER B 119 15.94 7.63 -11.25
C SER B 119 15.16 7.97 -9.99
N THR B 120 14.38 9.04 -10.01
CA THR B 120 13.57 9.45 -8.86
C THR B 120 12.12 9.78 -9.27
N HIS B 121 11.13 9.08 -8.72
CA HIS B 121 11.34 7.99 -7.76
C HIS B 121 12.31 6.92 -8.26
N GLU B 122 11.98 6.18 -9.32
CA GLU B 122 10.67 6.14 -9.94
C GLU B 122 10.20 4.69 -9.83
N THR B 123 8.98 4.48 -9.34
CA THR B 123 8.54 3.12 -9.05
C THR B 123 7.45 2.61 -10.01
N ASN B 124 7.66 1.43 -10.57
CA ASN B 124 6.60 0.72 -11.28
C ASN B 124 6.07 -0.42 -10.43
N ALA B 125 4.80 -0.36 -10.06
CA ALA B 125 4.24 -1.35 -9.15
C ALA B 125 3.00 -2.03 -9.71
N LEU B 126 2.88 -3.32 -9.43
CA LEU B 126 1.64 -4.05 -9.67
C LEU B 126 1.27 -4.82 -8.41
N HIS B 127 0.05 -4.64 -7.91
CA HIS B 127 -0.38 -5.38 -6.74
C HIS B 127 -1.84 -5.78 -6.86
N PHE B 128 -2.12 -7.05 -6.63
CA PHE B 128 -3.51 -7.50 -6.59
C PHE B 128 -3.77 -8.38 -5.36
N MET B 129 -5.03 -8.42 -4.95
CA MET B 129 -5.43 -9.13 -3.74
C MET B 129 -6.78 -9.83 -3.97
N PHE B 130 -6.81 -11.14 -3.73
CA PHE B 130 -8.03 -11.93 -3.83
C PHE B 130 -8.37 -12.47 -2.45
N ASN B 131 -9.40 -11.90 -1.82
CA ASN B 131 -9.90 -12.49 -0.57
C ASN B 131 -11.05 -13.45 -0.78
N GLN B 132 -11.63 -13.41 -1.98
CA GLN B 132 -12.51 -14.47 -2.45
C GLN B 132 -12.67 -14.44 -3.96
N PHE B 133 -13.07 -15.57 -4.53
CA PHE B 133 -13.19 -15.70 -5.98
C PHE B 133 -14.66 -15.85 -6.36
N SER B 134 -15.04 -15.22 -7.47
CA SER B 134 -16.42 -15.27 -7.93
C SER B 134 -16.60 -16.32 -9.02
N LYS B 135 -17.84 -16.48 -9.50
CA LYS B 135 -18.11 -17.47 -10.54
C LYS B 135 -17.32 -17.19 -11.81
N ASP B 136 -17.48 -16.00 -12.36
CA ASP B 136 -16.70 -15.62 -13.54
C ASP B 136 -15.60 -14.65 -13.11
N GLN B 137 -14.37 -15.12 -13.10
CA GLN B 137 -13.25 -14.29 -12.68
C GLN B 137 -12.46 -13.87 -13.91
N LYS B 138 -12.62 -12.61 -14.29
CA LYS B 138 -12.09 -12.12 -15.55
C LYS B 138 -10.62 -11.73 -15.47
N ASP B 139 -10.15 -11.47 -14.25
CA ASP B 139 -8.74 -11.13 -14.05
C ASP B 139 -7.90 -12.38 -13.75
N LEU B 140 -8.53 -13.54 -13.86
CA LEU B 140 -7.84 -14.82 -13.74
C LEU B 140 -7.99 -15.65 -15.00
N ILE B 141 -6.91 -16.30 -15.40
CA ILE B 141 -6.91 -17.25 -16.50
C ILE B 141 -6.88 -18.64 -15.89
N LEU B 142 -8.01 -19.33 -15.97
CA LEU B 142 -8.13 -20.67 -15.43
C LEU B 142 -7.72 -21.70 -16.46
N GLN B 143 -7.01 -22.74 -16.03
CA GLN B 143 -6.52 -23.76 -16.92
C GLN B 143 -6.77 -25.15 -16.35
N GLY B 144 -7.19 -26.06 -17.21
CA GLY B 144 -7.47 -27.43 -16.79
C GLY B 144 -8.73 -27.53 -15.97
N ASP B 145 -8.67 -28.29 -14.88
CA ASP B 145 -9.86 -28.55 -14.07
C ASP B 145 -10.16 -27.43 -13.08
N ALA B 146 -9.36 -26.38 -13.09
CA ALA B 146 -9.54 -25.24 -12.18
C ALA B 146 -10.87 -24.51 -12.38
N THR B 147 -11.57 -24.23 -11.28
CA THR B 147 -12.85 -23.53 -11.31
C THR B 147 -12.95 -22.58 -10.12
N THR B 148 -13.82 -21.59 -10.22
CA THR B 148 -14.04 -20.66 -9.11
C THR B 148 -15.53 -20.55 -8.75
N GLY B 149 -15.81 -19.77 -7.71
CA GLY B 149 -17.19 -19.49 -7.34
C GLY B 149 -17.78 -20.38 -6.26
N ARG B 150 -17.18 -21.56 -6.04
CA ARG B 150 -17.74 -22.50 -5.08
C ARG B 150 -17.35 -22.08 -3.67
N ASP B 151 -18.36 -21.74 -2.87
CA ASP B 151 -18.13 -21.23 -1.52
C ASP B 151 -17.18 -20.04 -1.57
N GLY B 152 -17.14 -19.35 -2.71
CA GLY B 152 -16.34 -18.16 -2.89
C GLY B 152 -14.83 -18.38 -3.04
N ASN B 153 -14.43 -19.63 -3.27
CA ASN B 153 -13.00 -19.98 -3.35
C ASN B 153 -12.49 -20.32 -4.76
N LEU B 154 -11.20 -20.64 -4.86
CA LEU B 154 -10.62 -21.13 -6.11
C LEU B 154 -10.15 -22.58 -5.97
N GLU B 155 -10.73 -23.46 -6.79
CA GLU B 155 -10.39 -24.89 -6.79
C GLU B 155 -9.44 -25.20 -7.95
N LEU B 156 -8.23 -25.63 -7.61
CA LEU B 156 -7.22 -25.96 -8.62
C LEU B 156 -7.37 -27.36 -9.23
N THR B 157 -7.84 -28.33 -8.44
CA THR B 157 -8.13 -29.66 -8.95
C THR B 157 -9.63 -29.99 -8.87
N ARG B 158 -10.09 -30.90 -9.73
CA ARG B 158 -11.51 -31.23 -9.82
C ARG B 158 -12.08 -31.84 -8.53
N VAL B 159 -13.20 -31.29 -8.08
CA VAL B 159 -13.88 -31.75 -6.87
C VAL B 159 -15.33 -32.07 -7.18
N SER B 160 -15.82 -33.20 -6.65
CA SER B 160 -17.16 -33.65 -6.97
C SER B 160 -18.21 -32.79 -6.28
N SER B 161 -19.48 -33.10 -6.55
CA SER B 161 -20.58 -32.28 -6.07
C SER B 161 -20.77 -32.38 -4.55
N ASN B 162 -20.24 -33.44 -3.95
CA ASN B 162 -20.32 -33.60 -2.51
C ASN B 162 -19.11 -33.01 -1.78
N GLY B 163 -18.11 -32.59 -2.56
CA GLY B 163 -16.90 -32.00 -1.99
C GLY B 163 -15.73 -32.96 -1.95
N SER B 164 -15.85 -34.08 -2.66
CA SER B 164 -14.78 -35.07 -2.72
C SER B 164 -13.76 -34.73 -3.80
N PRO B 165 -12.47 -34.93 -3.51
CA PRO B 165 -11.42 -34.69 -4.50
C PRO B 165 -11.40 -35.78 -5.57
N GLN B 166 -10.75 -35.51 -6.70
CA GLN B 166 -10.65 -36.50 -7.76
C GLN B 166 -9.19 -36.81 -8.09
N GLY B 167 -8.96 -38.00 -8.65
CA GLY B 167 -7.62 -38.42 -9.01
C GLY B 167 -7.27 -37.99 -10.42
N SER B 168 -6.00 -38.13 -10.78
CA SER B 168 -5.52 -37.77 -12.11
C SER B 168 -6.03 -36.40 -12.54
N SER B 169 -5.96 -35.43 -11.62
CA SER B 169 -6.51 -34.11 -11.86
C SER B 169 -5.39 -33.08 -11.88
N VAL B 170 -5.57 -32.04 -12.69
CA VAL B 170 -4.58 -30.98 -12.73
C VAL B 170 -5.29 -29.68 -13.03
N GLY B 171 -4.77 -28.58 -12.49
CA GLY B 171 -5.37 -27.29 -12.78
C GLY B 171 -4.53 -26.13 -12.30
N ARG B 172 -4.69 -24.99 -12.96
CA ARG B 172 -3.88 -23.79 -12.66
C ARG B 172 -4.68 -22.50 -12.80
N ALA B 173 -4.21 -21.43 -12.18
CA ALA B 173 -4.80 -20.10 -12.31
C ALA B 173 -3.69 -19.05 -12.48
N LEU B 174 -3.72 -18.31 -13.57
CA LEU B 174 -2.71 -17.29 -13.81
C LEU B 174 -3.31 -15.90 -13.73
N PHE B 175 -2.55 -14.90 -13.31
CA PHE B 175 -3.09 -13.55 -13.35
C PHE B 175 -3.14 -13.06 -14.79
N TYR B 176 -4.16 -12.27 -15.12
CA TYR B 176 -4.42 -11.88 -16.51
C TYR B 176 -3.31 -10.99 -17.07
N ALA B 177 -2.85 -10.03 -16.28
CA ALA B 177 -1.84 -9.09 -16.72
C ALA B 177 -0.44 -9.68 -16.61
N PRO B 178 0.36 -9.55 -17.68
CA PRO B 178 1.76 -9.96 -17.58
C PRO B 178 2.44 -9.13 -16.52
N VAL B 179 3.53 -9.62 -15.93
CA VAL B 179 4.22 -8.91 -14.87
C VAL B 179 5.61 -8.52 -15.32
N HIS B 180 6.04 -7.31 -14.99
CA HIS B 180 7.40 -6.92 -15.33
C HIS B 180 8.21 -7.26 -14.08
N ILE B 181 8.95 -8.36 -14.14
CA ILE B 181 9.59 -8.91 -12.95
C ILE B 181 11.01 -8.40 -12.76
N TRP B 182 11.58 -7.84 -13.83
CA TRP B 182 12.84 -7.14 -13.73
C TRP B 182 13.07 -6.23 -14.91
N GLU B 183 14.01 -5.30 -14.76
CA GLU B 183 14.46 -4.49 -15.87
C GLU B 183 15.93 -4.19 -15.65
N SER B 184 16.70 -4.13 -16.73
CA SER B 184 18.13 -3.90 -16.60
C SER B 184 18.40 -2.60 -15.83
N SER B 185 17.48 -1.65 -15.94
CA SER B 185 17.65 -0.34 -15.32
C SER B 185 17.11 -0.26 -13.90
N ALA B 186 16.65 -1.39 -13.37
CA ALA B 186 16.06 -1.41 -12.04
C ALA B 186 17.07 -1.79 -10.95
N VAL B 187 17.38 -0.84 -10.07
CA VAL B 187 18.29 -1.10 -8.96
C VAL B 187 17.67 -2.10 -8.00
N VAL B 188 16.35 -2.02 -7.80
CA VAL B 188 15.65 -2.99 -6.97
C VAL B 188 14.45 -3.58 -7.70
N ALA B 189 14.41 -4.88 -7.86
CA ALA B 189 13.19 -5.56 -8.31
C ALA B 189 12.76 -6.55 -7.23
N SER B 190 11.64 -6.27 -6.57
CA SER B 190 11.20 -7.12 -5.48
C SER B 190 9.84 -7.70 -5.78
N PHE B 191 9.54 -8.85 -5.19
CA PHE B 191 8.19 -9.38 -5.27
C PHE B 191 7.81 -10.24 -4.06
N ASP B 192 6.53 -10.20 -3.73
CA ASP B 192 5.98 -10.82 -2.54
C ASP B 192 4.64 -11.46 -2.93
N ALA B 193 4.45 -12.72 -2.58
CA ALA B 193 3.17 -13.37 -2.85
C ALA B 193 2.72 -14.16 -1.63
N THR B 194 1.42 -14.14 -1.37
CA THR B 194 0.89 -14.86 -0.22
C THR B 194 -0.36 -15.63 -0.60
N PHE B 195 -0.54 -16.82 -0.03
CA PHE B 195 -1.85 -17.47 -0.19
C PHE B 195 -2.31 -18.38 0.95
N THR B 196 -3.63 -18.46 1.13
CA THR B 196 -4.22 -19.40 2.09
C THR B 196 -4.79 -20.60 1.37
N PHE B 197 -4.69 -21.78 1.97
CA PHE B 197 -5.18 -22.97 1.31
C PHE B 197 -5.74 -24.00 2.29
N LEU B 198 -6.62 -24.86 1.79
CA LEU B 198 -7.09 -25.99 2.58
C LEU B 198 -6.87 -27.30 1.84
N ILE B 199 -5.97 -28.13 2.35
CA ILE B 199 -5.77 -29.45 1.79
C ILE B 199 -6.45 -30.50 2.66
N LYS B 200 -7.36 -31.25 2.05
CA LYS B 200 -8.15 -32.24 2.76
C LYS B 200 -8.17 -33.51 1.93
N SER B 201 -7.70 -34.60 2.52
CA SER B 201 -7.68 -35.89 1.85
C SER B 201 -8.42 -36.93 2.68
N SER B 202 -8.97 -37.93 2.00
CA SER B 202 -9.63 -39.06 2.66
C SER B 202 -8.59 -40.13 3.00
N ASP B 203 -7.97 -40.67 1.94
CA ASP B 203 -6.95 -41.69 2.08
C ASP B 203 -5.72 -41.18 2.83
N SER B 204 -4.97 -42.12 3.41
CA SER B 204 -3.81 -41.79 4.24
C SER B 204 -2.68 -41.08 3.50
N HIS B 205 -2.77 -41.04 2.17
CA HIS B 205 -1.70 -40.47 1.36
C HIS B 205 -2.19 -39.40 0.37
N PRO B 206 -2.19 -38.13 0.79
CA PRO B 206 -2.63 -37.02 -0.06
C PRO B 206 -1.61 -36.75 -1.16
N ALA B 207 -2.08 -36.28 -2.32
CA ALA B 207 -1.21 -35.99 -3.45
C ALA B 207 -1.86 -35.06 -4.47
N ASP B 208 -1.04 -34.45 -5.33
CA ASP B 208 0.40 -34.43 -5.15
C ASP B 208 0.96 -33.15 -4.54
N GLY B 209 0.14 -32.10 -4.47
CA GLY B 209 0.57 -30.87 -3.83
C GLY B 209 0.04 -29.61 -4.49
N ILE B 210 0.55 -28.46 -4.02
CA ILE B 210 0.22 -27.17 -4.61
C ILE B 210 1.52 -26.43 -4.91
N ALA B 211 1.49 -25.47 -5.83
CA ALA B 211 2.70 -24.69 -6.11
C ALA B 211 2.39 -23.28 -6.58
N PHE B 212 3.21 -22.31 -6.16
CA PHE B 212 3.13 -20.95 -6.69
C PHE B 212 4.22 -20.81 -7.75
N PHE B 213 3.87 -20.32 -8.94
CA PHE B 213 4.85 -20.29 -10.02
C PHE B 213 4.89 -19.00 -10.84
N ILE B 214 6.01 -18.81 -11.53
CA ILE B 214 6.22 -17.71 -12.45
C ILE B 214 6.76 -18.26 -13.76
N SER B 215 6.14 -17.89 -14.87
CA SER B 215 6.46 -18.52 -16.15
C SER B 215 6.39 -17.51 -17.30
N ASN B 216 6.67 -17.97 -18.51
CA ASN B 216 6.49 -17.13 -19.68
C ASN B 216 5.01 -16.79 -19.85
N ILE B 217 4.72 -15.67 -20.50
CA ILE B 217 3.34 -15.20 -20.59
C ILE B 217 2.38 -16.19 -21.24
N ASP B 218 2.88 -16.95 -22.22
CA ASP B 218 2.04 -17.87 -22.98
C ASP B 218 1.99 -19.26 -22.33
N SER B 219 2.58 -19.38 -21.15
CA SER B 219 2.71 -20.66 -20.46
C SER B 219 1.40 -21.44 -20.32
N SER B 220 1.50 -22.75 -20.49
CA SER B 220 0.34 -23.62 -20.38
C SER B 220 0.72 -24.98 -19.83
N ILE B 221 -0.27 -25.70 -19.30
CA ILE B 221 -0.01 -27.02 -18.71
C ILE B 221 0.70 -27.94 -19.70
N PRO B 222 1.90 -28.40 -19.33
CA PRO B 222 2.65 -29.37 -20.14
C PRO B 222 1.94 -30.72 -20.19
N SER B 223 1.92 -31.36 -21.36
CA SER B 223 1.17 -32.59 -21.55
C SER B 223 1.59 -33.68 -20.56
N GLY B 224 0.60 -34.26 -19.89
CA GLY B 224 0.84 -35.37 -18.97
C GLY B 224 1.57 -34.95 -17.71
N SER B 225 1.27 -33.74 -17.24
CA SER B 225 1.97 -33.17 -16.08
C SER B 225 1.24 -33.40 -14.75
N THR B 226 0.18 -34.19 -14.77
CA THR B 226 -0.57 -34.43 -13.55
C THR B 226 0.24 -35.28 -12.58
N GLY B 227 -0.31 -35.53 -11.41
CA GLY B 227 0.38 -36.31 -10.40
C GLY B 227 1.65 -35.64 -9.92
N ARG B 228 2.76 -36.36 -10.00
CA ARG B 228 4.03 -35.91 -9.44
C ARG B 228 4.62 -34.69 -10.11
N LEU B 229 4.20 -34.39 -11.33
CA LEU B 229 4.78 -33.25 -12.05
C LEU B 229 4.13 -31.92 -11.66
N LEU B 230 3.08 -32.00 -10.86
CA LEU B 230 2.41 -30.84 -10.28
C LEU B 230 1.90 -29.88 -11.35
N GLY B 231 1.70 -30.40 -12.56
CA GLY B 231 1.24 -29.60 -13.68
C GLY B 231 2.29 -28.67 -14.27
N LEU B 232 3.43 -28.55 -13.60
CA LEU B 232 4.46 -27.56 -13.99
C LEU B 232 5.56 -28.01 -14.97
N PHE B 233 5.74 -29.31 -15.14
CA PHE B 233 6.86 -29.80 -15.93
C PHE B 233 6.48 -30.96 -16.84
N PRO B 234 7.03 -30.97 -18.06
CA PRO B 234 6.79 -32.03 -19.04
C PRO B 234 7.49 -33.32 -18.67
N ASP B 235 8.53 -33.21 -17.85
CA ASP B 235 9.38 -34.34 -17.53
C ASP B 235 9.91 -34.24 -16.10
N ALA B 236 10.25 -35.39 -15.53
CA ALA B 236 10.73 -35.45 -14.15
C ALA B 236 12.23 -35.20 -14.05
N ASN B 237 12.86 -34.91 -15.20
CA ASN B 237 14.30 -34.67 -15.23
C ASN B 237 14.70 -33.39 -14.50
N ALA C 1 -11.24 24.20 25.43
CA ALA C 1 -11.86 22.94 25.04
C ALA C 1 -11.16 22.34 23.82
N ASP C 2 -11.25 21.02 23.68
CA ASP C 2 -10.68 20.31 22.56
C ASP C 2 -11.51 20.54 21.30
N THR C 3 -10.89 20.32 20.14
CA THR C 3 -11.63 20.33 18.88
C THR C 3 -11.78 18.89 18.42
N ILE C 4 -13.01 18.38 18.49
CA ILE C 4 -13.28 17.00 18.18
C ILE C 4 -14.14 16.87 16.92
N VAL C 5 -13.68 16.06 15.97
CA VAL C 5 -14.53 15.64 14.86
C VAL C 5 -14.71 14.14 15.02
N ALA C 6 -15.93 13.64 14.90
CA ALA C 6 -16.16 12.25 15.22
C ALA C 6 -17.21 11.57 14.37
N VAL C 7 -17.06 10.26 14.22
CA VAL C 7 -18.11 9.41 13.67
C VAL C 7 -18.57 8.49 14.78
N GLU C 8 -19.81 8.68 15.24
CA GLU C 8 -20.40 7.95 16.35
C GLU C 8 -21.32 6.82 15.91
N LEU C 9 -21.18 5.68 16.58
CA LEU C 9 -22.17 4.61 16.59
C LEU C 9 -22.86 4.70 17.93
N ASP C 10 -24.10 5.17 17.92
CA ASP C 10 -24.81 5.50 19.14
C ASP C 10 -25.88 4.46 19.46
N THR C 11 -25.61 3.64 20.46
CA THR C 11 -26.51 2.54 20.82
C THR C 11 -27.65 2.97 21.74
N TYR C 12 -27.47 4.09 22.43
CA TYR C 12 -28.48 4.59 23.35
C TYR C 12 -29.03 5.94 22.90
N PRO C 13 -30.33 5.98 22.61
CA PRO C 13 -31.01 7.18 22.13
C PRO C 13 -31.30 8.21 23.24
N ASN C 14 -30.35 9.11 23.52
CA ASN C 14 -30.63 10.17 24.50
C ASN C 14 -31.28 11.33 23.74
N THR C 15 -32.58 11.49 23.92
CA THR C 15 -33.35 12.40 23.06
C THR C 15 -33.48 13.79 23.62
N ASP C 16 -33.04 13.99 24.86
CA ASP C 16 -33.05 15.31 25.45
C ASP C 16 -31.83 16.12 24.98
N ILE C 17 -30.76 15.42 24.60
CA ILE C 17 -29.54 16.07 24.12
C ILE C 17 -29.44 16.17 22.59
N GLY C 18 -30.52 15.82 21.89
CA GLY C 18 -30.54 15.96 20.44
C GLY C 18 -30.56 14.69 19.60
N ASP C 19 -30.45 13.54 20.24
CA ASP C 19 -30.53 12.27 19.51
C ASP C 19 -31.93 12.03 18.92
N PRO C 20 -31.99 11.22 17.86
CA PRO C 20 -33.22 10.60 17.35
C PRO C 20 -33.66 9.48 18.29
N SER C 21 -34.88 8.97 18.12
CA SER C 21 -35.41 7.97 19.05
C SER C 21 -34.93 6.55 18.77
N TYR C 22 -34.02 6.41 17.80
CA TYR C 22 -33.46 5.12 17.45
C TYR C 22 -31.93 5.09 17.56
N PRO C 23 -31.36 3.89 17.75
CA PRO C 23 -29.90 3.75 17.67
C PRO C 23 -29.45 4.20 16.29
N HIS C 24 -28.31 4.88 16.20
CA HIS C 24 -27.97 5.56 14.96
C HIS C 24 -26.48 5.76 14.77
N ILE C 25 -26.09 6.06 13.54
CA ILE C 25 -24.73 6.49 13.25
C ILE C 25 -24.76 7.98 12.97
N GLY C 26 -23.72 8.70 13.34
CA GLY C 26 -23.73 10.14 13.17
C GLY C 26 -22.37 10.76 12.97
N ILE C 27 -22.39 11.94 12.37
CA ILE C 27 -21.18 12.69 12.12
C ILE C 27 -21.22 13.93 12.99
N ASP C 28 -20.31 14.02 13.93
CA ASP C 28 -20.26 15.11 14.90
C ASP C 28 -19.14 16.09 14.58
N ILE C 29 -19.49 17.37 14.50
CA ILE C 29 -18.49 18.42 14.40
C ILE C 29 -18.51 19.28 15.65
N LYS C 30 -17.51 19.08 16.51
CA LYS C 30 -17.32 19.87 17.72
C LYS C 30 -18.59 19.97 18.56
N SER C 31 -19.47 18.98 18.42
CA SER C 31 -20.72 18.97 19.18
C SER C 31 -21.24 17.55 19.34
N VAL C 32 -21.90 17.28 20.47
CA VAL C 32 -22.45 15.95 20.70
C VAL C 32 -23.73 15.78 19.90
N ARG C 33 -24.25 16.89 19.40
CA ARG C 33 -25.43 16.87 18.56
C ARG C 33 -24.98 16.79 17.09
N SER C 34 -25.25 15.65 16.48
CA SER C 34 -24.68 15.35 15.16
C SER C 34 -25.18 16.31 14.09
N LYS C 35 -24.36 16.53 13.07
CA LYS C 35 -24.78 17.29 11.90
C LYS C 35 -25.62 16.41 10.97
N LYS C 36 -25.29 15.12 10.94
CA LYS C 36 -26.02 14.16 10.12
C LYS C 36 -26.11 12.84 10.86
N THR C 37 -27.30 12.23 10.84
CA THR C 37 -27.50 10.94 11.49
C THR C 37 -28.26 9.98 10.59
N ALA C 38 -28.14 8.69 10.87
CA ALA C 38 -28.79 7.66 10.08
C ALA C 38 -29.25 6.53 11.02
N LYS C 39 -30.32 5.86 10.65
CA LYS C 39 -30.89 4.82 11.48
C LYS C 39 -30.07 3.55 11.38
N TRP C 40 -29.76 2.98 12.52
CA TRP C 40 -28.82 1.87 12.57
C TRP C 40 -29.43 0.71 13.33
N ASN C 41 -29.66 -0.40 12.63
CA ASN C 41 -30.18 -1.58 13.28
C ASN C 41 -28.99 -2.43 13.69
N MET C 42 -28.71 -2.47 14.98
CA MET C 42 -27.52 -3.17 15.46
C MET C 42 -27.84 -4.62 15.79
N GLN C 43 -26.92 -5.51 15.46
CA GLN C 43 -27.10 -6.92 15.74
C GLN C 43 -26.27 -7.32 16.95
N ASN C 44 -26.94 -7.57 18.06
CA ASN C 44 -26.30 -7.87 19.33
C ASN C 44 -25.45 -9.15 19.26
N GLY C 45 -24.18 -9.04 19.63
CA GLY C 45 -23.29 -10.19 19.65
C GLY C 45 -22.61 -10.48 18.33
N LYS C 46 -22.84 -9.61 17.35
CA LYS C 46 -22.28 -9.79 16.02
C LYS C 46 -21.12 -8.82 15.81
N VAL C 47 -20.16 -9.19 14.98
CA VAL C 47 -19.04 -8.31 14.69
C VAL C 47 -19.35 -7.43 13.48
N GLY C 48 -19.45 -6.13 13.73
CA GLY C 48 -19.69 -5.16 12.67
C GLY C 48 -18.42 -4.44 12.23
N THR C 49 -18.48 -3.81 11.06
CA THR C 49 -17.31 -3.14 10.50
C THR C 49 -17.65 -1.70 10.07
N ALA C 50 -16.79 -0.77 10.45
CA ALA C 50 -16.95 0.63 10.05
C ALA C 50 -15.86 1.09 9.10
N HIS C 51 -16.31 1.75 8.03
CA HIS C 51 -15.43 2.38 7.04
C HIS C 51 -15.70 3.89 6.99
N ILE C 52 -14.71 4.65 7.42
CA ILE C 52 -14.74 6.12 7.40
C ILE C 52 -13.87 6.63 6.27
N ILE C 53 -14.40 7.57 5.49
CA ILE C 53 -13.70 8.06 4.31
C ILE C 53 -13.80 9.58 4.12
N TYR C 54 -12.65 10.22 3.90
CA TYR C 54 -12.66 11.63 3.55
C TYR C 54 -11.56 12.04 2.56
N ASN C 55 -11.93 12.82 1.54
CA ASN C 55 -10.95 13.48 0.67
C ASN C 55 -11.18 14.98 0.58
N SER C 56 -10.11 15.73 0.26
CA SER C 56 -10.18 17.18 0.23
C SER C 56 -10.70 17.76 -1.10
N VAL C 57 -10.99 16.87 -2.04
CA VAL C 57 -11.55 17.30 -3.33
C VAL C 57 -13.07 17.34 -3.25
N GLY C 58 -13.67 16.18 -3.06
CA GLY C 58 -15.11 16.09 -2.91
C GLY C 58 -15.60 16.75 -1.63
N LYS C 59 -14.69 16.85 -0.65
CA LYS C 59 -15.00 17.48 0.64
C LYS C 59 -16.29 16.92 1.27
N ARG C 60 -16.50 15.61 1.13
CA ARG C 60 -17.61 14.93 1.78
C ARG C 60 -17.11 13.87 2.74
N LEU C 61 -17.40 14.03 4.02
CA LEU C 61 -17.05 13.07 5.05
C LEU C 61 -18.09 11.97 5.12
N SER C 62 -17.67 10.73 4.87
CA SER C 62 -18.60 9.63 4.81
C SER C 62 -18.29 8.55 5.84
N ALA C 63 -19.32 7.80 6.21
CA ALA C 63 -19.14 6.62 7.05
C ALA C 63 -20.19 5.55 6.74
N VAL C 64 -19.74 4.30 6.78
CA VAL C 64 -20.63 3.14 6.62
C VAL C 64 -20.37 2.06 7.66
N VAL C 65 -21.44 1.60 8.30
CA VAL C 65 -21.33 0.50 9.24
C VAL C 65 -22.12 -0.72 8.78
N SER C 66 -21.42 -1.81 8.48
CA SER C 66 -22.06 -2.99 7.94
C SER C 66 -21.82 -4.23 8.79
N TYR C 67 -22.75 -5.18 8.74
CA TYR C 67 -22.60 -6.44 9.43
C TYR C 67 -22.54 -7.56 8.40
N PRO C 68 -21.91 -8.68 8.76
CA PRO C 68 -22.22 -9.87 7.96
C PRO C 68 -23.73 -9.99 8.02
N ASN C 69 -24.37 -10.61 7.03
CA ASN C 69 -25.82 -10.49 6.88
C ASN C 69 -26.14 -9.29 5.99
N GLY C 70 -25.10 -8.53 5.67
CA GLY C 70 -25.16 -7.55 4.60
C GLY C 70 -25.81 -6.23 4.95
N ASP C 71 -26.60 -6.22 6.03
CA ASP C 71 -27.29 -5.01 6.46
C ASP C 71 -26.27 -3.94 6.81
N SER C 72 -26.56 -2.69 6.47
CA SER C 72 -25.63 -1.61 6.77
C SER C 72 -26.33 -0.25 6.92
N ALA C 73 -25.61 0.71 7.50
CA ALA C 73 -26.12 2.06 7.66
C ALA C 73 -25.09 3.07 7.15
N THR C 74 -25.55 4.08 6.44
CA THR C 74 -24.64 5.00 5.76
C THR C 74 -24.99 6.45 6.01
N VAL C 75 -23.99 7.24 6.37
CA VAL C 75 -24.22 8.66 6.61
C VAL C 75 -23.10 9.50 5.99
N SER C 76 -23.46 10.66 5.44
CA SER C 76 -22.49 11.54 4.81
C SER C 76 -22.75 13.00 5.14
N TYR C 77 -21.70 13.81 5.12
CA TYR C 77 -21.83 15.23 5.40
C TYR C 77 -20.85 16.03 4.56
N ASP C 78 -21.32 17.11 3.93
CA ASP C 78 -20.42 17.93 3.13
C ASP C 78 -19.72 18.94 4.02
N VAL C 79 -18.41 18.81 4.15
CA VAL C 79 -17.65 19.72 4.98
C VAL C 79 -16.22 19.79 4.49
N ASP C 80 -15.60 20.95 4.65
CA ASP C 80 -14.19 21.12 4.33
C ASP C 80 -13.41 21.17 5.63
N LEU C 81 -12.67 20.11 5.92
CA LEU C 81 -12.04 19.97 7.24
C LEU C 81 -10.79 20.85 7.43
N ASP C 82 -10.35 21.49 6.34
CA ASP C 82 -9.23 22.42 6.43
C ASP C 82 -9.51 23.50 7.45
N ASN C 83 -10.78 23.90 7.52
CA ASN C 83 -11.17 25.03 8.34
C ASN C 83 -11.60 24.60 9.73
N VAL C 84 -11.75 23.31 9.93
CA VAL C 84 -12.24 22.78 11.20
C VAL C 84 -11.12 22.25 12.09
N LEU C 85 -10.45 21.21 11.60
CA LEU C 85 -9.37 20.56 12.34
C LEU C 85 -8.05 21.31 12.22
N PRO C 86 -7.20 21.21 13.27
CA PRO C 86 -5.85 21.77 13.27
C PRO C 86 -4.93 20.98 12.34
N GLU C 87 -3.86 21.62 11.89
CA GLU C 87 -2.97 20.99 10.92
C GLU C 87 -2.48 19.63 11.40
N TRP C 88 -2.12 19.56 12.67
CA TRP C 88 -1.71 18.30 13.29
C TRP C 88 -2.72 17.87 14.34
N VAL C 89 -3.07 16.59 14.30
CA VAL C 89 -4.12 16.07 15.16
C VAL C 89 -3.68 14.75 15.77
N ARG C 90 -4.57 14.14 16.52
CA ARG C 90 -4.40 12.75 16.92
C ARG C 90 -5.69 11.99 16.68
N VAL C 91 -5.54 10.77 16.17
CA VAL C 91 -6.66 9.93 15.77
C VAL C 91 -6.85 8.80 16.78
N GLY C 92 -8.12 8.49 17.05
CA GLY C 92 -8.39 7.41 17.99
C GLY C 92 -9.81 6.90 18.07
N LEU C 93 -10.01 5.95 18.99
CA LEU C 93 -11.31 5.36 19.28
C LEU C 93 -11.75 5.70 20.69
N SER C 94 -13.06 5.84 20.89
CA SER C 94 -13.59 6.15 22.21
C SER C 94 -14.84 5.33 22.44
N ALA C 95 -15.07 4.91 23.68
CA ALA C 95 -16.32 4.26 24.01
C ALA C 95 -16.66 4.48 25.47
N THR C 96 -17.96 4.46 25.77
CA THR C 96 -18.43 4.69 27.13
C THR C 96 -19.60 3.78 27.46
N THR C 97 -19.90 3.72 28.75
CA THR C 97 -21.11 3.08 29.26
C THR C 97 -21.73 3.98 30.32
N GLY C 98 -23.06 4.08 30.28
CA GLY C 98 -23.79 4.90 31.23
C GLY C 98 -24.44 4.04 32.30
N LEU C 99 -25.62 4.48 32.75
CA LEU C 99 -26.47 3.64 33.59
C LEU C 99 -26.70 2.33 32.86
N TYR C 100 -26.86 2.43 31.55
CA TYR C 100 -26.93 1.27 30.67
C TYR C 100 -25.55 0.98 30.13
N LYS C 101 -25.23 -0.30 29.97
CA LYS C 101 -23.88 -0.70 29.63
C LYS C 101 -23.82 -1.55 28.38
N GLU C 102 -22.60 -1.94 28.02
CA GLU C 102 -22.36 -2.84 26.92
C GLU C 102 -20.86 -3.02 26.80
N THR C 103 -20.45 -4.08 26.11
CA THR C 103 -19.05 -4.28 25.84
C THR C 103 -18.67 -3.52 24.59
N ASN C 104 -17.76 -2.57 24.70
CA ASN C 104 -17.22 -1.92 23.52
C ASN C 104 -15.85 -2.52 23.23
N THR C 105 -15.77 -3.37 22.20
CA THR C 105 -14.59 -4.19 21.96
C THR C 105 -14.09 -4.05 20.53
N ILE C 106 -12.78 -3.91 20.37
CA ILE C 106 -12.19 -3.68 19.04
C ILE C 106 -11.25 -4.80 18.61
N LEU C 107 -11.67 -5.52 17.57
CA LEU C 107 -10.90 -6.65 17.04
C LEU C 107 -9.79 -6.23 16.08
N SER C 108 -10.03 -5.15 15.34
CA SER C 108 -9.03 -4.59 14.44
C SER C 108 -9.28 -3.11 14.17
N TRP C 109 -8.21 -2.38 13.85
CA TRP C 109 -8.27 -0.96 13.54
C TRP C 109 -7.21 -0.64 12.51
N SER C 110 -7.53 0.20 11.52
CA SER C 110 -6.49 0.66 10.60
C SER C 110 -6.74 2.10 10.16
N PHE C 111 -5.67 2.79 9.77
CA PHE C 111 -5.76 4.20 9.34
C PHE C 111 -4.73 4.58 8.26
N THR C 112 -5.19 5.38 7.30
CA THR C 112 -4.37 5.83 6.18
C THR C 112 -4.55 7.33 5.94
N SER C 113 -3.44 8.07 5.91
CA SER C 113 -3.50 9.50 5.68
C SER C 113 -2.50 9.90 4.61
N LYS C 114 -2.98 10.61 3.59
CA LYS C 114 -2.10 11.09 2.53
C LYS C 114 -2.25 12.58 2.29
N LEU C 115 -1.11 13.23 2.06
CA LEU C 115 -1.02 14.60 1.59
C LEU C 115 -0.29 14.58 0.25
N LYS C 116 -1.03 14.92 -0.81
CA LYS C 116 -0.51 14.97 -2.16
C LYS C 116 -0.50 16.42 -2.60
N SER C 117 0.70 17.00 -2.68
CA SER C 117 0.84 18.42 -2.97
C SER C 117 0.97 18.63 -4.47
N ASN C 118 1.08 19.90 -4.85
CA ASN C 118 1.16 20.29 -6.25
C ASN C 118 2.59 20.15 -6.74
N SER C 119 3.42 19.61 -5.86
CA SER C 119 4.84 19.41 -6.12
C SER C 119 5.14 18.32 -7.15
N THR C 120 4.12 17.66 -7.69
CA THR C 120 4.39 16.66 -8.72
C THR C 120 5.26 15.48 -8.25
N HIS C 121 4.62 14.46 -7.69
CA HIS C 121 5.31 13.25 -7.24
C HIS C 121 5.69 13.25 -5.77
N GLU C 122 5.40 14.33 -5.06
CA GLU C 122 5.73 14.38 -3.64
C GLU C 122 4.51 14.08 -2.77
N THR C 123 4.53 12.91 -2.16
CA THR C 123 3.40 12.48 -1.33
C THR C 123 3.91 12.16 0.07
N ASN C 124 3.25 12.73 1.07
CA ASN C 124 3.52 12.34 2.44
C ASN C 124 2.41 11.43 2.93
N ALA C 125 2.76 10.34 3.63
CA ALA C 125 1.75 9.40 4.05
C ALA C 125 2.03 8.71 5.38
N LEU C 126 0.96 8.40 6.10
CA LEU C 126 1.05 7.52 7.27
C LEU C 126 0.01 6.43 7.19
N HIS C 127 0.42 5.17 7.31
CA HIS C 127 -0.52 4.05 7.36
C HIS C 127 -0.19 3.11 8.50
N PHE C 128 -1.19 2.80 9.33
CA PHE C 128 -1.00 1.76 10.34
C PHE C 128 -2.18 0.80 10.41
N MET C 129 -1.88 -0.44 10.80
CA MET C 129 -2.89 -1.49 10.85
C MET C 129 -2.68 -2.39 12.06
N PHE C 130 -3.72 -2.54 12.87
CA PHE C 130 -3.78 -3.49 13.97
C PHE C 130 -4.81 -4.56 13.63
N ASN C 131 -4.37 -5.78 13.37
CA ASN C 131 -5.32 -6.89 13.31
C ASN C 131 -5.45 -7.58 14.66
N GLN C 132 -4.52 -7.27 15.56
CA GLN C 132 -4.67 -7.65 16.96
C GLN C 132 -3.76 -6.83 17.88
N PHE C 133 -4.11 -6.80 19.17
CA PHE C 133 -3.42 -5.94 20.13
C PHE C 133 -2.77 -6.74 21.24
N SER C 134 -1.46 -6.57 21.41
CA SER C 134 -0.71 -7.27 22.45
C SER C 134 -0.92 -6.62 23.81
N LYS C 135 -0.35 -7.22 24.84
CA LYS C 135 -0.56 -6.74 26.21
C LYS C 135 -0.07 -5.31 26.43
N ASP C 136 1.15 -5.03 26.01
CA ASP C 136 1.65 -3.67 26.09
C ASP C 136 1.86 -3.16 24.66
N GLN C 137 0.96 -2.27 24.23
CA GLN C 137 1.01 -1.71 22.90
C GLN C 137 1.57 -0.31 23.02
N LYS C 138 2.80 -0.14 22.54
CA LYS C 138 3.54 1.11 22.72
C LYS C 138 3.20 2.20 21.70
N ASP C 139 2.63 1.81 20.56
CA ASP C 139 2.23 2.77 19.55
C ASP C 139 0.79 3.23 19.81
N LEU C 140 0.23 2.75 20.91
CA LEU C 140 -1.07 3.21 21.38
C LEU C 140 -0.95 3.94 22.71
N ILE C 141 -1.70 5.02 22.83
CA ILE C 141 -1.88 5.72 24.10
C ILE C 141 -3.27 5.37 24.65
N LEU C 142 -3.29 4.73 25.82
CA LEU C 142 -4.55 4.30 26.41
C LEU C 142 -4.98 5.26 27.52
N GLN C 143 -6.26 5.64 27.45
CA GLN C 143 -6.85 6.58 28.39
C GLN C 143 -8.13 5.99 28.96
N GLY C 144 -8.41 6.33 30.21
CA GLY C 144 -9.58 5.82 30.89
C GLY C 144 -9.48 4.32 31.11
N ASP C 145 -10.59 3.63 30.85
CA ASP C 145 -10.72 2.21 31.15
C ASP C 145 -10.19 1.30 30.03
N ALA C 146 -9.61 1.91 29.01
CA ALA C 146 -9.07 1.16 27.87
C ALA C 146 -7.88 0.27 28.22
N THR C 147 -7.94 -0.99 27.79
CA THR C 147 -6.87 -1.96 28.02
C THR C 147 -6.70 -2.89 26.82
N THR C 148 -5.56 -3.60 26.75
CA THR C 148 -5.30 -4.51 25.64
C THR C 148 -4.88 -5.91 26.10
N GLY C 149 -4.61 -6.79 25.13
CA GLY C 149 -4.05 -8.09 25.39
C GLY C 149 -5.05 -9.09 25.95
N ARG C 150 -4.61 -10.31 26.21
CA ARG C 150 -5.54 -11.31 26.71
C ARG C 150 -6.69 -11.49 25.73
N ASP C 151 -6.44 -12.28 24.69
CA ASP C 151 -7.33 -12.49 23.54
C ASP C 151 -6.98 -11.54 22.41
N GLY C 152 -6.07 -10.62 22.70
CA GLY C 152 -5.56 -9.72 21.69
C GLY C 152 -6.60 -8.76 21.16
N ASN C 153 -7.61 -8.46 21.97
CA ASN C 153 -8.57 -7.43 21.61
C ASN C 153 -8.31 -6.14 22.38
N LEU C 154 -9.08 -5.11 22.04
CA LEU C 154 -9.02 -3.87 22.78
C LEU C 154 -10.38 -3.60 23.38
N GLU C 155 -10.47 -3.70 24.71
CA GLU C 155 -11.68 -3.30 25.43
C GLU C 155 -11.50 -1.83 25.74
N LEU C 156 -12.43 -1.01 25.24
CA LEU C 156 -12.40 0.42 25.48
C LEU C 156 -12.96 0.75 26.85
N THR C 157 -13.98 0.01 27.24
CA THR C 157 -14.65 0.23 28.52
C THR C 157 -14.46 -0.99 29.42
N ARG C 158 -14.58 -0.77 30.73
CA ARG C 158 -14.30 -1.83 31.70
C ARG C 158 -15.20 -3.05 31.55
N VAL C 159 -14.57 -4.21 31.51
CA VAL C 159 -15.25 -5.50 31.53
C VAL C 159 -14.59 -6.34 32.62
N SER C 160 -15.39 -7.11 33.35
CA SER C 160 -14.87 -7.89 34.47
C SER C 160 -14.22 -9.20 34.05
N SER C 161 -13.77 -9.97 35.03
CA SER C 161 -13.08 -11.23 34.79
C SER C 161 -13.96 -12.26 34.07
N ASN C 162 -15.27 -12.13 34.23
CA ASN C 162 -16.22 -13.09 33.67
C ASN C 162 -16.70 -12.71 32.27
N GLY C 163 -16.33 -11.52 31.81
CA GLY C 163 -16.74 -11.04 30.51
C GLY C 163 -17.99 -10.17 30.54
N SER C 164 -18.28 -9.61 31.71
CA SER C 164 -19.41 -8.68 31.85
C SER C 164 -18.97 -7.24 31.75
N PRO C 165 -19.66 -6.45 30.91
CA PRO C 165 -19.41 -5.01 30.79
C PRO C 165 -19.69 -4.28 32.10
N GLN C 166 -19.17 -3.07 32.24
CA GLN C 166 -19.42 -2.26 33.43
C GLN C 166 -20.13 -0.95 33.08
N GLY C 167 -20.77 -0.35 34.08
CA GLY C 167 -21.46 0.91 33.90
C GLY C 167 -20.56 2.11 34.13
N SER C 168 -21.06 3.29 33.82
CA SER C 168 -20.32 4.52 34.09
C SER C 168 -18.86 4.39 33.70
N SER C 169 -18.59 3.86 32.52
CA SER C 169 -17.22 3.67 32.07
C SER C 169 -16.87 4.58 30.90
N VAL C 170 -15.59 4.92 30.77
CA VAL C 170 -15.11 5.66 29.61
C VAL C 170 -13.70 5.22 29.28
N GLY C 171 -13.42 5.05 28.00
CA GLY C 171 -12.08 4.71 27.57
C GLY C 171 -11.79 5.17 26.16
N ARG C 172 -10.51 5.42 25.89
CA ARG C 172 -10.08 5.89 24.58
C ARG C 172 -8.68 5.40 24.21
N ALA C 173 -8.48 5.10 22.93
CA ALA C 173 -7.18 4.69 22.43
C ALA C 173 -6.74 5.64 21.31
N LEU C 174 -5.56 6.22 21.45
CA LEU C 174 -5.08 7.16 20.44
C LEU C 174 -3.77 6.68 19.84
N PHE C 175 -3.60 6.76 18.53
CA PHE C 175 -2.32 6.37 17.94
C PHE C 175 -1.18 7.27 18.45
N TYR C 176 -0.01 6.69 18.69
CA TYR C 176 1.10 7.40 19.35
C TYR C 176 1.62 8.61 18.58
N ALA C 177 1.79 8.46 17.27
CA ALA C 177 2.33 9.53 16.44
C ALA C 177 1.27 10.58 16.11
N PRO C 178 1.64 11.86 16.20
CA PRO C 178 0.79 12.94 15.69
C PRO C 178 0.62 12.78 14.18
N VAL C 179 -0.57 13.04 13.67
CA VAL C 179 -0.84 12.84 12.25
C VAL C 179 -1.08 14.15 11.53
N HIS C 180 -0.44 14.32 10.38
CA HIS C 180 -0.51 15.55 9.63
C HIS C 180 -1.70 15.34 8.71
N ILE C 181 -2.82 15.96 9.05
CA ILE C 181 -4.07 15.65 8.36
C ILE C 181 -4.32 16.58 7.19
N TRP C 182 -3.59 17.69 7.15
CA TRP C 182 -3.62 18.58 6.00
C TRP C 182 -2.43 19.55 5.95
N GLU C 183 -2.22 20.14 4.77
CA GLU C 183 -1.22 21.18 4.59
C GLU C 183 -1.68 22.16 3.51
N SER C 184 -1.33 23.43 3.70
CA SER C 184 -1.74 24.50 2.79
C SER C 184 -1.31 24.24 1.34
N SER C 185 -0.24 23.47 1.17
CA SER C 185 0.33 23.21 -0.15
C SER C 185 -0.16 21.91 -0.76
N ALA C 186 -1.02 21.19 -0.04
CA ALA C 186 -1.50 19.90 -0.50
C ALA C 186 -2.72 20.05 -1.38
N VAL C 187 -2.67 19.49 -2.58
CA VAL C 187 -3.80 19.54 -3.48
C VAL C 187 -4.86 18.50 -3.08
N VAL C 188 -4.40 17.38 -2.53
CA VAL C 188 -5.31 16.35 -2.03
C VAL C 188 -4.90 15.85 -0.64
N ALA C 189 -5.72 16.09 0.36
CA ALA C 189 -5.44 15.57 1.69
C ALA C 189 -6.58 14.66 2.09
N SER C 190 -6.30 13.37 2.17
CA SER C 190 -7.36 12.42 2.48
C SER C 190 -6.99 11.42 3.56
N PHE C 191 -8.02 10.78 4.11
CA PHE C 191 -7.81 9.72 5.09
C PHE C 191 -8.92 8.67 5.09
N ASP C 192 -8.51 7.44 5.42
CA ASP C 192 -9.40 6.30 5.57
C ASP C 192 -9.20 5.73 6.97
N ALA C 193 -10.28 5.26 7.57
CA ALA C 193 -10.18 4.64 8.88
C ALA C 193 -11.12 3.46 8.87
N THR C 194 -10.68 2.30 9.34
CA THR C 194 -11.59 1.16 9.37
C THR C 194 -11.44 0.39 10.66
N PHE C 195 -12.53 -0.08 11.23
CA PHE C 195 -12.38 -0.95 12.39
C PHE C 195 -13.50 -1.97 12.56
N THR C 196 -13.18 -3.11 13.15
CA THR C 196 -14.22 -4.09 13.46
C THR C 196 -14.51 -4.06 14.94
N PHE C 197 -15.76 -4.29 15.31
CA PHE C 197 -16.17 -4.20 16.71
C PHE C 197 -17.22 -5.24 17.07
N LEU C 198 -17.20 -5.64 18.35
CA LEU C 198 -18.25 -6.49 18.91
C LEU C 198 -18.93 -5.80 20.10
N ILE C 199 -20.19 -5.43 19.90
CA ILE C 199 -20.97 -4.84 20.99
C ILE C 199 -21.97 -5.87 21.54
N LYS C 200 -21.76 -6.24 22.79
CA LYS C 200 -22.63 -7.20 23.46
C LYS C 200 -23.22 -6.60 24.73
N SER C 201 -24.52 -6.80 24.93
CA SER C 201 -25.18 -6.32 26.13
C SER C 201 -26.19 -7.32 26.68
N SER C 202 -26.17 -7.50 28.00
CA SER C 202 -27.10 -8.38 28.67
C SER C 202 -28.50 -7.78 28.70
N ASP C 203 -28.63 -6.63 29.36
CA ASP C 203 -29.92 -5.94 29.47
C ASP C 203 -30.42 -5.51 28.10
N SER C 204 -31.73 -5.27 28.02
CA SER C 204 -32.39 -4.91 26.76
C SER C 204 -31.91 -3.58 26.17
N HIS C 205 -31.18 -2.78 26.96
CA HIS C 205 -30.76 -1.47 26.52
C HIS C 205 -29.26 -1.25 26.64
N PRO C 206 -28.52 -1.52 25.56
CA PRO C 206 -27.07 -1.35 25.49
C PRO C 206 -26.67 0.13 25.36
N ALA C 207 -25.57 0.52 25.99
CA ALA C 207 -25.11 1.90 25.95
C ALA C 207 -23.62 2.03 26.26
N ASP C 208 -23.02 3.18 25.95
CA ASP C 208 -23.67 4.19 25.12
C ASP C 208 -23.19 4.27 23.67
N GLY C 209 -22.12 3.55 23.33
CA GLY C 209 -21.70 3.51 21.94
C GLY C 209 -20.20 3.50 21.72
N ILE C 210 -19.79 3.63 20.46
CA ILE C 210 -18.37 3.74 20.12
C ILE C 210 -18.19 4.84 19.09
N ALA C 211 -17.04 5.50 19.08
CA ALA C 211 -16.84 6.62 18.17
C ALA C 211 -15.40 6.69 17.68
N PHE C 212 -15.22 7.01 16.40
CA PHE C 212 -13.88 7.29 15.89
C PHE C 212 -13.70 8.79 15.88
N PHE C 213 -12.56 9.28 16.32
CA PHE C 213 -12.42 10.73 16.41
C PHE C 213 -11.03 11.24 16.06
N ILE C 214 -10.99 12.53 15.75
CA ILE C 214 -9.76 13.25 15.45
C ILE C 214 -9.76 14.54 16.25
N SER C 215 -8.70 14.75 17.02
CA SER C 215 -8.69 15.88 17.94
C SER C 215 -7.34 16.59 17.91
N ASN C 216 -7.20 17.57 18.79
CA ASN C 216 -5.88 18.15 19.04
C ASN C 216 -4.97 17.11 19.67
N ILE C 217 -3.67 17.27 19.50
CA ILE C 217 -2.71 16.26 19.91
C ILE C 217 -2.72 15.96 21.41
N ASP C 218 -2.88 16.99 22.24
CA ASP C 218 -2.83 16.85 23.69
C ASP C 218 -4.18 16.41 24.27
N SER C 219 -5.12 16.14 23.39
CA SER C 219 -6.48 15.79 23.77
C SER C 219 -6.55 14.68 24.82
N SER C 220 -7.43 14.87 25.79
CA SER C 220 -7.69 13.87 26.81
C SER C 220 -9.18 13.79 27.11
N ILE C 221 -9.60 12.75 27.82
CA ILE C 221 -11.01 12.56 28.16
C ILE C 221 -11.52 13.73 29.00
N PRO C 222 -12.60 14.37 28.54
CA PRO C 222 -13.21 15.48 29.29
C PRO C 222 -13.88 14.98 30.56
N SER C 223 -13.83 15.77 31.62
CA SER C 223 -14.52 15.43 32.85
C SER C 223 -15.99 15.15 32.57
N GLY C 224 -16.53 14.13 33.23
CA GLY C 224 -17.93 13.78 33.10
C GLY C 224 -18.38 13.55 31.66
N SER C 225 -17.54 12.88 30.87
CA SER C 225 -17.86 12.56 29.48
C SER C 225 -18.39 11.13 29.27
N THR C 226 -18.61 10.39 30.36
CA THR C 226 -19.10 9.02 30.23
C THR C 226 -20.54 8.98 29.75
N GLY C 227 -21.09 7.79 29.63
CA GLY C 227 -22.47 7.64 29.22
C GLY C 227 -22.74 8.30 27.90
N ARG C 228 -23.67 9.24 27.88
CA ARG C 228 -24.12 9.88 26.64
C ARG C 228 -23.05 10.71 25.92
N LEU C 229 -22.13 11.30 26.67
CA LEU C 229 -21.12 12.17 26.07
C LEU C 229 -20.05 11.36 25.35
N LEU C 230 -20.12 10.04 25.50
CA LEU C 230 -19.31 9.13 24.69
C LEU C 230 -17.81 9.39 24.81
N GLY C 231 -17.41 10.03 25.90
CA GLY C 231 -15.99 10.29 26.15
C GLY C 231 -15.41 11.38 25.25
N LEU C 232 -16.20 11.83 24.29
CA LEU C 232 -15.76 12.87 23.38
C LEU C 232 -15.93 14.30 23.89
N PHE C 233 -17.05 14.56 24.57
CA PHE C 233 -17.43 15.94 24.87
C PHE C 233 -17.63 16.23 26.35
N PRO C 234 -17.23 17.43 26.78
CA PRO C 234 -17.37 17.93 28.16
C PRO C 234 -18.82 18.29 28.51
N ASP C 235 -19.66 18.51 27.49
CA ASP C 235 -21.04 18.95 27.69
C ASP C 235 -21.95 18.53 26.55
N ALA C 236 -23.26 18.60 26.78
CA ALA C 236 -24.24 18.11 25.79
C ALA C 236 -24.64 19.19 24.78
N ASN C 237 -24.01 20.35 24.85
CA ASN C 237 -24.34 21.42 23.93
C ASN C 237 -23.95 21.10 22.49
N ALA D 1 24.10 0.58 27.85
CA ALA D 1 24.18 1.11 26.50
C ALA D 1 22.95 0.70 25.70
N ASP D 2 22.64 1.48 24.66
CA ASP D 2 21.54 1.17 23.75
C ASP D 2 21.90 -0.04 22.89
N THR D 3 20.88 -0.66 22.29
CA THR D 3 21.10 -1.66 21.25
C THR D 3 20.91 -0.98 19.90
N ILE D 4 21.91 -1.06 19.02
CA ILE D 4 21.83 -0.35 17.74
C ILE D 4 22.11 -1.25 16.53
N VAL D 5 21.25 -1.14 15.52
CA VAL D 5 21.48 -1.84 14.25
C VAL D 5 21.38 -0.84 13.12
N ALA D 6 22.45 -0.63 12.36
CA ALA D 6 22.47 0.46 11.38
C ALA D 6 23.12 0.12 10.05
N VAL D 7 22.63 0.73 8.97
CA VAL D 7 23.32 0.71 7.70
C VAL D 7 23.96 2.07 7.51
N GLU D 8 25.28 2.04 7.27
CA GLU D 8 26.07 3.26 7.18
C GLU D 8 26.58 3.54 5.78
N LEU D 9 26.47 4.80 5.39
CA LEU D 9 27.12 5.36 4.22
C LEU D 9 28.25 6.21 4.76
N ASP D 10 29.47 5.70 4.61
CA ASP D 10 30.66 6.26 5.23
C ASP D 10 31.53 7.00 4.21
N THR D 11 31.55 8.31 4.34
CA THR D 11 32.35 9.19 3.50
C THR D 11 33.80 9.23 3.95
N TYR D 12 34.00 9.31 5.26
CA TYR D 12 35.34 9.41 5.81
C TYR D 12 35.80 8.05 6.31
N PRO D 13 36.95 7.58 5.79
CA PRO D 13 37.63 6.33 6.11
C PRO D 13 38.45 6.43 7.39
N ASN D 14 37.86 6.19 8.56
CA ASN D 14 38.67 6.17 9.75
C ASN D 14 39.17 4.75 9.93
N THR D 15 40.45 4.56 9.64
CA THR D 15 41.03 3.23 9.54
C THR D 15 41.46 2.65 10.88
N ASP D 16 41.87 3.53 11.79
CA ASP D 16 42.31 3.08 13.12
C ASP D 16 41.16 2.49 13.93
N ILE D 17 39.92 2.77 13.53
CA ILE D 17 38.75 2.14 14.12
C ILE D 17 38.20 0.95 13.32
N GLY D 18 38.90 0.58 12.24
CA GLY D 18 38.52 -0.61 11.48
C GLY D 18 37.92 -0.36 10.10
N ASP D 19 37.68 0.90 9.76
CA ASP D 19 37.12 1.23 8.46
C ASP D 19 38.11 0.98 7.34
N PRO D 20 37.61 0.54 6.17
CA PRO D 20 38.42 0.40 4.97
C PRO D 20 38.93 1.76 4.50
N SER D 21 39.94 1.74 3.63
CA SER D 21 40.57 2.98 3.17
C SER D 21 39.73 3.76 2.18
N TYR D 22 38.61 3.18 1.76
CA TYR D 22 37.73 3.79 0.78
C TYR D 22 36.37 4.12 1.37
N PRO D 23 35.73 5.20 0.87
CA PRO D 23 34.35 5.48 1.24
C PRO D 23 33.54 4.22 1.01
N HIS D 24 32.72 3.82 1.97
CA HIS D 24 32.13 2.50 1.91
C HIS D 24 30.79 2.49 2.61
N ILE D 25 29.95 1.55 2.23
CA ILE D 25 28.71 1.31 2.95
C ILE D 25 28.99 0.10 3.83
N GLY D 26 28.33 0.04 4.98
CA GLY D 26 28.52 -1.12 5.84
C GLY D 26 27.33 -1.41 6.72
N ILE D 27 27.26 -2.66 7.17
CA ILE D 27 26.24 -3.11 8.10
C ILE D 27 26.81 -3.20 9.51
N ASP D 28 26.20 -2.48 10.44
CA ASP D 28 26.67 -2.39 11.82
C ASP D 28 25.67 -3.03 12.76
N ILE D 29 26.13 -4.00 13.54
CA ILE D 29 25.35 -4.51 14.66
C ILE D 29 26.05 -4.17 15.97
N LYS D 30 25.50 -3.20 16.69
CA LYS D 30 25.96 -2.84 18.04
C LYS D 30 27.44 -2.48 18.11
N SER D 31 28.04 -2.12 16.98
CA SER D 31 29.44 -1.67 16.98
C SER D 31 29.74 -0.75 15.80
N VAL D 32 30.64 0.19 16.01
CA VAL D 32 31.00 1.13 14.96
C VAL D 32 31.73 0.39 13.85
N ARG D 33 32.21 -0.81 14.19
CA ARG D 33 32.95 -1.64 13.24
C ARG D 33 31.98 -2.55 12.52
N SER D 34 31.79 -2.27 11.24
CA SER D 34 30.80 -2.97 10.44
C SER D 34 31.10 -4.47 10.38
N LYS D 35 30.05 -5.27 10.35
CA LYS D 35 30.18 -6.71 10.18
C LYS D 35 30.44 -7.01 8.71
N LYS D 36 29.99 -6.12 7.84
CA LYS D 36 30.20 -6.27 6.41
C LYS D 36 30.31 -4.90 5.76
N THR D 37 31.20 -4.76 4.77
CA THR D 37 31.37 -3.48 4.09
C THR D 37 31.49 -3.65 2.59
N ALA D 38 31.26 -2.56 1.86
CA ALA D 38 31.43 -2.54 0.41
C ALA D 38 31.99 -1.18 0.00
N LYS D 39 32.90 -1.18 -0.96
CA LYS D 39 33.49 0.06 -1.45
C LYS D 39 32.40 0.91 -2.10
N TRP D 40 32.35 2.18 -1.72
CA TRP D 40 31.32 3.07 -2.23
C TRP D 40 31.95 4.30 -2.88
N ASN D 41 31.61 4.52 -4.14
CA ASN D 41 32.09 5.72 -4.82
C ASN D 41 30.98 6.74 -4.77
N MET D 42 31.16 7.75 -3.94
CA MET D 42 30.14 8.76 -3.77
C MET D 42 30.32 9.85 -4.81
N GLN D 43 29.21 10.37 -5.32
CA GLN D 43 29.29 11.41 -6.32
C GLN D 43 28.95 12.73 -5.67
N ASN D 44 29.97 13.56 -5.45
CA ASN D 44 29.80 14.81 -4.72
C ASN D 44 28.80 15.72 -5.42
N GLY D 45 27.82 16.21 -4.64
CA GLY D 45 26.83 17.13 -5.16
C GLY D 45 25.77 16.43 -5.99
N LYS D 46 25.54 15.15 -5.69
CA LYS D 46 24.53 14.38 -6.41
C LYS D 46 23.50 13.78 -5.45
N VAL D 47 22.28 13.58 -5.93
CA VAL D 47 21.22 13.04 -5.10
C VAL D 47 21.20 11.52 -5.25
N GLY D 48 21.60 10.85 -4.16
CA GLY D 48 21.64 9.40 -4.14
C GLY D 48 20.43 8.82 -3.43
N THR D 49 20.22 7.53 -3.59
CA THR D 49 19.08 6.83 -3.03
C THR D 49 19.55 5.53 -2.37
N ALA D 50 19.03 5.26 -1.19
CA ALA D 50 19.41 4.07 -0.45
C ALA D 50 18.19 3.24 -0.09
N HIS D 51 18.22 1.98 -0.54
CA HIS D 51 17.18 1.01 -0.22
C HIS D 51 17.71 -0.05 0.74
N ILE D 52 17.05 -0.19 1.89
CA ILE D 52 17.40 -1.21 2.88
C ILE D 52 16.25 -2.22 3.00
N ILE D 53 16.58 -3.51 3.11
CA ILE D 53 15.56 -4.53 3.17
C ILE D 53 15.88 -5.65 4.16
N TYR D 54 14.87 -6.09 4.90
CA TYR D 54 15.00 -7.30 5.72
C TYR D 54 13.70 -8.09 5.80
N ASN D 55 13.82 -9.41 5.73
CA ASN D 55 12.66 -10.29 5.96
C ASN D 55 13.00 -11.42 6.93
N SER D 56 12.07 -11.72 7.83
CA SER D 56 12.32 -12.70 8.87
C SER D 56 12.56 -14.08 8.31
N VAL D 57 12.15 -14.27 7.06
CA VAL D 57 12.23 -15.59 6.43
C VAL D 57 13.65 -15.94 6.00
N GLY D 58 14.18 -15.18 5.05
CA GLY D 58 15.53 -15.38 4.58
C GLY D 58 16.57 -14.88 5.57
N LYS D 59 16.13 -14.12 6.57
CA LYS D 59 17.02 -13.62 7.61
C LYS D 59 18.31 -13.03 7.03
N ARG D 60 18.16 -12.22 5.99
CA ARG D 60 19.32 -11.56 5.40
C ARG D 60 19.07 -10.06 5.28
N LEU D 61 19.85 -9.28 6.02
CA LEU D 61 19.73 -7.84 5.96
C LEU D 61 20.48 -7.38 4.72
N SER D 62 19.88 -6.50 3.93
CA SER D 62 20.55 -6.03 2.72
C SER D 62 20.42 -4.52 2.55
N ALA D 63 21.39 -3.94 1.83
CA ALA D 63 21.41 -2.51 1.54
C ALA D 63 22.02 -2.21 0.17
N VAL D 64 21.42 -1.26 -0.54
CA VAL D 64 21.93 -0.82 -1.84
C VAL D 64 21.85 0.70 -1.99
N VAL D 65 22.96 1.32 -2.33
CA VAL D 65 22.97 2.75 -2.64
C VAL D 65 23.30 3.02 -4.11
N SER D 66 22.53 3.93 -4.72
CA SER D 66 22.65 4.22 -6.15
C SER D 66 22.34 5.68 -6.49
N TYR D 67 22.88 6.14 -7.61
CA TYR D 67 22.67 7.51 -8.06
C TYR D 67 21.99 7.43 -9.42
N PRO D 68 21.46 8.58 -9.91
CA PRO D 68 21.13 8.69 -11.33
C PRO D 68 22.42 8.36 -12.05
N ASN D 69 22.42 8.14 -13.36
CA ASN D 69 23.37 7.21 -13.95
C ASN D 69 22.85 5.80 -13.58
N GLY D 70 23.60 4.92 -12.90
CA GLY D 70 24.91 5.13 -12.35
C GLY D 70 25.40 3.95 -11.51
N ASP D 71 26.54 4.15 -10.87
CA ASP D 71 27.18 3.14 -10.03
C ASP D 71 26.28 2.80 -8.85
N SER D 72 26.45 1.62 -8.28
CA SER D 72 25.72 1.25 -7.08
C SER D 72 26.55 0.33 -6.18
N ALA D 73 26.39 0.48 -4.88
CA ALA D 73 27.08 -0.39 -3.94
C ALA D 73 26.10 -1.22 -3.10
N THR D 74 26.37 -2.52 -3.05
CA THR D 74 25.51 -3.49 -2.39
C THR D 74 26.24 -4.19 -1.27
N VAL D 75 25.60 -4.25 -0.11
CA VAL D 75 26.15 -4.99 1.02
C VAL D 75 25.04 -5.78 1.69
N SER D 76 25.32 -7.03 2.03
CA SER D 76 24.33 -7.89 2.67
C SER D 76 24.98 -8.62 3.83
N TYR D 77 24.22 -8.82 4.90
CA TYR D 77 24.71 -9.53 6.07
C TYR D 77 23.65 -10.48 6.60
N ASP D 78 24.01 -11.75 6.71
CA ASP D 78 23.08 -12.76 7.20
C ASP D 78 22.94 -12.62 8.70
N VAL D 79 21.72 -12.36 9.15
CA VAL D 79 21.43 -12.25 10.57
C VAL D 79 19.95 -12.49 10.83
N ASP D 80 19.65 -12.87 12.07
CA ASP D 80 18.27 -13.01 12.51
C ASP D 80 18.03 -11.96 13.60
N LEU D 81 17.28 -10.92 13.28
CA LEU D 81 17.18 -9.76 14.14
C LEU D 81 16.36 -10.02 15.41
N ASP D 82 15.64 -11.12 15.42
CA ASP D 82 14.93 -11.58 16.62
C ASP D 82 15.91 -11.66 17.78
N ASN D 83 17.14 -12.03 17.45
CA ASN D 83 18.14 -12.32 18.45
C ASN D 83 19.06 -11.14 18.72
N VAL D 84 18.85 -10.05 18.00
CA VAL D 84 19.68 -8.85 18.15
C VAL D 84 18.89 -7.73 18.82
N LEU D 85 17.81 -7.31 18.17
CA LEU D 85 16.96 -6.22 18.66
C LEU D 85 15.91 -6.65 19.68
N PRO D 86 15.54 -5.73 20.58
CA PRO D 86 14.37 -5.89 21.47
C PRO D 86 13.09 -5.77 20.65
N GLU D 87 11.98 -6.29 21.18
CA GLU D 87 10.70 -6.33 20.47
C GLU D 87 10.25 -4.98 19.89
N TRP D 88 10.17 -3.96 20.74
CA TRP D 88 9.77 -2.62 20.32
C TRP D 88 10.98 -1.72 20.11
N VAL D 89 10.91 -0.85 19.10
CA VAL D 89 12.03 0.02 18.78
C VAL D 89 11.57 1.35 18.21
N ARG D 90 12.55 2.20 17.94
CA ARG D 90 12.33 3.42 17.16
C ARG D 90 13.32 3.36 16.02
N VAL D 91 12.96 3.95 14.89
CA VAL D 91 13.84 3.97 13.73
C VAL D 91 14.27 5.42 13.49
N GLY D 92 15.46 5.61 12.91
CA GLY D 92 15.95 6.96 12.71
C GLY D 92 17.07 7.17 11.72
N LEU D 93 17.39 8.44 11.48
CA LEU D 93 18.47 8.85 10.60
C LEU D 93 19.51 9.63 11.39
N SER D 94 20.79 9.33 11.19
CA SER D 94 21.81 9.96 12.00
C SER D 94 22.99 10.40 11.16
N ALA D 95 23.47 11.61 11.42
CA ALA D 95 24.63 12.09 10.68
C ALA D 95 25.54 12.95 11.53
N THR D 96 26.83 12.91 11.20
CA THR D 96 27.85 13.68 11.91
C THR D 96 28.89 14.30 10.98
N THR D 97 29.63 15.25 11.53
CA THR D 97 30.79 15.85 10.87
C THR D 97 31.87 16.00 11.93
N GLY D 98 33.08 15.55 11.62
CA GLY D 98 34.22 15.68 12.53
C GLY D 98 35.11 16.84 12.15
N LEU D 99 36.43 16.67 12.33
CA LEU D 99 37.36 17.65 11.81
C LEU D 99 37.02 17.94 10.34
N TYR D 100 36.68 16.90 9.60
CA TYR D 100 36.20 17.06 8.24
C TYR D 100 34.69 17.11 8.25
N LYS D 101 34.11 17.96 7.41
CA LYS D 101 32.67 18.16 7.40
C LYS D 101 32.06 17.92 6.02
N GLU D 102 30.74 18.15 5.94
CA GLU D 102 29.98 17.92 4.73
C GLU D 102 28.52 18.23 5.02
N THR D 103 27.72 18.41 3.98
CA THR D 103 26.29 18.65 4.17
C THR D 103 25.53 17.33 4.11
N ASN D 104 24.93 16.95 5.23
CA ASN D 104 24.13 15.74 5.27
C ASN D 104 22.66 16.11 5.18
N THR D 105 22.06 15.87 4.02
CA THR D 105 20.72 16.37 3.74
C THR D 105 19.80 15.27 3.24
N ILE D 106 18.65 15.14 3.89
CA ILE D 106 17.66 14.12 3.53
C ILE D 106 16.53 14.77 2.73
N LEU D 107 16.38 14.38 1.47
CA LEU D 107 15.28 14.87 0.63
C LEU D 107 13.97 14.13 0.87
N SER D 108 14.07 12.83 1.14
CA SER D 108 12.91 12.01 1.43
C SER D 108 13.29 10.77 2.24
N TRP D 109 12.35 10.27 3.04
CA TRP D 109 12.52 9.07 3.87
C TRP D 109 11.22 8.27 3.96
N SER D 110 11.25 6.99 3.62
CA SER D 110 10.06 6.16 3.81
C SER D 110 10.39 4.86 4.53
N PHE D 111 9.39 4.32 5.23
CA PHE D 111 9.56 3.11 6.03
C PHE D 111 8.28 2.26 6.03
N THR D 112 8.46 0.95 5.92
CA THR D 112 7.38 -0.04 6.00
C THR D 112 7.78 -1.14 6.94
N SER D 113 6.84 -1.55 7.80
CA SER D 113 7.06 -2.63 8.76
C SER D 113 5.82 -3.52 8.83
N LYS D 114 6.01 -4.81 8.55
CA LYS D 114 4.92 -5.76 8.51
C LYS D 114 5.15 -6.94 9.46
N LEU D 115 4.12 -7.25 10.24
CA LEU D 115 4.10 -8.45 11.04
C LEU D 115 2.92 -9.33 10.62
N LYS D 116 3.26 -10.45 9.99
CA LYS D 116 2.29 -11.42 9.48
C LYS D 116 2.36 -12.69 10.32
N SER D 117 1.31 -12.94 11.08
CA SER D 117 1.28 -14.04 12.04
C SER D 117 0.75 -15.32 11.41
N ASN D 118 0.73 -16.39 12.21
CA ASN D 118 0.28 -17.70 11.74
C ASN D 118 -1.24 -17.78 11.65
N SER D 119 -1.91 -16.76 12.19
CA SER D 119 -3.37 -16.66 12.10
C SER D 119 -3.77 -16.13 10.74
N THR D 120 -5.05 -15.78 10.58
CA THR D 120 -5.52 -15.18 9.32
C THR D 120 -6.35 -13.91 9.54
N HIS D 121 -5.94 -12.79 8.95
CA HIS D 121 -4.76 -12.73 8.07
C HIS D 121 -3.46 -13.26 8.70
N GLU D 122 -2.96 -12.65 9.77
CA GLU D 122 -3.44 -11.39 10.31
C GLU D 122 -2.28 -10.40 10.26
N THR D 123 -2.49 -9.23 9.71
CA THR D 123 -1.37 -8.33 9.47
C THR D 123 -1.38 -7.09 10.36
N ASN D 124 -0.36 -6.92 11.18
CA ASN D 124 -0.12 -5.62 11.79
C ASN D 124 0.86 -4.84 10.92
N ALA D 125 0.60 -3.56 10.68
CA ALA D 125 1.47 -2.77 9.80
C ALA D 125 1.71 -1.33 10.23
N LEU D 126 2.90 -0.83 9.92
CA LEU D 126 3.19 0.60 10.03
C LEU D 126 3.95 1.07 8.80
N HIS D 127 3.44 2.07 8.12
CA HIS D 127 4.12 2.63 6.97
C HIS D 127 4.04 4.15 6.98
N PHE D 128 5.18 4.82 6.82
CA PHE D 128 5.16 6.26 6.64
C PHE D 128 6.07 6.69 5.50
N MET D 129 5.78 7.84 4.92
CA MET D 129 6.52 8.38 3.79
C MET D 129 6.65 9.90 3.96
N PHE D 130 7.89 10.38 3.89
CA PHE D 130 8.19 11.80 3.88
C PHE D 130 8.84 12.11 2.55
N ASN D 131 8.13 12.77 1.65
CA ASN D 131 8.80 13.25 0.44
C ASN D 131 9.28 14.68 0.64
N GLN D 132 8.83 15.28 1.75
CA GLN D 132 9.43 16.50 2.27
C GLN D 132 9.08 16.73 3.75
N PHE D 133 9.89 17.55 4.41
CA PHE D 133 9.75 17.79 5.84
C PHE D 133 9.45 19.26 6.15
N SER D 134 8.29 19.52 6.76
CA SER D 134 7.89 20.89 7.06
C SER D 134 8.71 21.46 8.21
N LYS D 135 8.48 22.73 8.53
CA LYS D 135 9.25 23.42 9.56
C LYS D 135 8.97 22.90 10.97
N ASP D 136 7.70 22.63 11.27
CA ASP D 136 7.39 21.94 12.52
C ASP D 136 6.85 20.56 12.19
N GLN D 137 7.69 19.55 12.39
CA GLN D 137 7.35 18.17 12.05
C GLN D 137 7.09 17.38 13.34
N LYS D 138 5.83 17.09 13.61
CA LYS D 138 5.45 16.49 14.88
C LYS D 138 5.66 14.97 14.94
N ASP D 139 5.66 14.32 13.78
CA ASP D 139 5.87 12.88 13.74
C ASP D 139 7.35 12.53 13.62
N LEU D 140 8.20 13.56 13.67
CA LEU D 140 9.64 13.38 13.74
C LEU D 140 10.18 13.92 15.07
N ILE D 141 11.06 13.15 15.69
CA ILE D 141 11.78 13.54 16.88
C ILE D 141 13.20 13.93 16.49
N LEU D 142 13.50 15.22 16.55
CA LEU D 142 14.79 15.72 16.13
C LEU D 142 15.73 15.84 17.31
N GLN D 143 17.00 15.53 17.08
CA GLN D 143 18.02 15.55 18.11
C GLN D 143 19.28 16.24 17.59
N GLY D 144 19.95 16.96 18.49
CA GLY D 144 21.20 17.62 18.17
C GLY D 144 21.02 18.75 17.18
N ASP D 145 21.88 18.77 16.16
CA ASP D 145 21.93 19.85 15.21
C ASP D 145 20.93 19.67 14.07
N ALA D 146 20.15 18.59 14.14
CA ALA D 146 19.18 18.25 13.10
C ALA D 146 17.98 19.19 13.07
N THR D 147 17.70 19.76 11.91
CA THR D 147 16.58 20.69 11.75
C THR D 147 15.88 20.43 10.41
N THR D 148 14.66 20.93 10.28
CA THR D 148 13.89 20.72 9.07
C THR D 148 13.36 22.03 8.50
N GLY D 149 12.61 21.94 7.41
CA GLY D 149 11.93 23.08 6.84
C GLY D 149 12.73 23.84 5.80
N ARG D 150 14.04 23.66 5.79
CA ARG D 150 14.86 24.45 4.89
C ARG D 150 14.78 23.84 3.49
N ASP D 151 14.20 24.60 2.57
CA ASP D 151 13.95 24.13 1.20
C ASP D 151 13.10 22.86 1.16
N GLY D 152 12.34 22.63 2.23
CA GLY D 152 11.53 21.42 2.33
C GLY D 152 12.31 20.18 2.72
N ASN D 153 13.60 20.35 3.01
CA ASN D 153 14.49 19.23 3.30
C ASN D 153 14.73 18.99 4.79
N LEU D 154 15.52 17.97 5.10
CA LEU D 154 15.95 17.70 6.47
C LEU D 154 17.47 17.75 6.54
N GLU D 155 18.00 18.64 7.38
CA GLU D 155 19.44 18.73 7.58
C GLU D 155 19.83 18.06 8.89
N LEU D 156 20.55 16.95 8.78
CA LEU D 156 20.92 16.18 9.96
C LEU D 156 22.00 16.88 10.77
N THR D 157 22.98 17.44 10.07
CA THR D 157 24.08 18.15 10.73
C THR D 157 24.01 19.64 10.44
N ARG D 158 24.51 20.45 11.37
CA ARG D 158 24.43 21.90 11.30
C ARG D 158 24.95 22.45 9.97
N VAL D 159 24.18 23.36 9.40
CA VAL D 159 24.57 24.07 8.18
C VAL D 159 24.35 25.56 8.38
N SER D 160 25.30 26.36 7.93
CA SER D 160 25.22 27.81 8.12
C SER D 160 24.26 28.49 7.14
N SER D 161 24.12 29.81 7.30
CA SER D 161 23.15 30.59 6.54
C SER D 161 23.50 30.74 5.07
N ASN D 162 24.73 30.42 4.71
CA ASN D 162 25.15 30.45 3.31
C ASN D 162 25.08 29.09 2.62
N GLY D 163 24.70 28.06 3.38
CA GLY D 163 24.63 26.71 2.85
C GLY D 163 25.92 25.93 3.03
N SER D 164 26.74 26.38 3.98
CA SER D 164 28.01 25.73 4.28
C SER D 164 27.88 24.76 5.46
N PRO D 165 28.42 23.54 5.30
CA PRO D 165 28.44 22.54 6.36
C PRO D 165 29.25 23.02 7.56
N GLN D 166 29.04 22.39 8.72
CA GLN D 166 29.81 22.72 9.90
C GLN D 166 30.58 21.51 10.41
N GLY D 167 31.67 21.75 11.14
CA GLY D 167 32.48 20.69 11.70
C GLY D 167 32.01 20.30 13.08
N SER D 168 32.44 19.14 13.54
CA SER D 168 32.05 18.63 14.86
C SER D 168 30.56 18.78 15.09
N SER D 169 29.77 18.33 14.12
CA SER D 169 28.32 18.41 14.20
C SER D 169 27.73 17.02 14.37
N VAL D 170 26.59 16.95 15.04
CA VAL D 170 25.87 15.69 15.17
C VAL D 170 24.38 15.98 15.18
N GLY D 171 23.60 15.14 14.49
CA GLY D 171 22.16 15.28 14.51
C GLY D 171 21.42 14.01 14.12
N ARG D 172 20.19 13.88 14.60
CA ARG D 172 19.39 12.67 14.34
C ARG D 172 17.89 12.94 14.23
N ALA D 173 17.17 12.06 13.55
CA ALA D 173 15.71 12.17 13.42
C ALA D 173 15.05 10.81 13.55
N LEU D 174 14.20 10.65 14.57
CA LEU D 174 13.56 9.37 14.81
C LEU D 174 12.08 9.50 14.51
N PHE D 175 11.42 8.45 14.07
CA PHE D 175 9.98 8.55 13.88
C PHE D 175 9.32 8.63 15.27
N TYR D 176 8.26 9.41 15.40
CA TYR D 176 7.63 9.61 16.70
C TYR D 176 7.16 8.29 17.32
N ALA D 177 6.36 7.54 16.58
CA ALA D 177 5.79 6.30 17.08
C ALA D 177 6.80 5.14 17.17
N PRO D 178 6.75 4.39 18.28
CA PRO D 178 7.55 3.16 18.40
C PRO D 178 7.03 2.09 17.43
N VAL D 179 7.95 1.35 16.83
CA VAL D 179 7.60 0.34 15.84
C VAL D 179 7.75 -1.05 16.45
N HIS D 180 6.81 -1.94 16.14
CA HIS D 180 6.85 -3.29 16.65
C HIS D 180 7.61 -4.07 15.58
N ILE D 181 8.86 -4.40 15.85
CA ILE D 181 9.76 -4.89 14.82
C ILE D 181 9.85 -6.41 14.71
N TRP D 182 9.33 -7.10 15.72
CA TRP D 182 9.13 -8.54 15.63
C TRP D 182 8.17 -9.02 16.71
N GLU D 183 7.63 -10.22 16.53
CA GLU D 183 6.89 -10.87 17.60
C GLU D 183 7.11 -12.37 17.55
N SER D 184 6.88 -13.03 18.68
CA SER D 184 7.13 -14.46 18.81
C SER D 184 6.17 -15.26 17.93
N SER D 185 4.98 -14.71 17.70
CA SER D 185 3.92 -15.40 16.98
C SER D 185 3.88 -15.04 15.48
N ALA D 186 4.75 -14.13 15.07
CA ALA D 186 4.77 -13.68 13.68
C ALA D 186 5.65 -14.58 12.82
N VAL D 187 5.04 -15.23 11.83
CA VAL D 187 5.79 -16.10 10.93
C VAL D 187 6.66 -15.25 10.01
N VAL D 188 6.18 -14.06 9.69
CA VAL D 188 6.99 -13.12 8.92
C VAL D 188 7.07 -11.76 9.60
N ALA D 189 8.27 -11.28 9.83
CA ALA D 189 8.46 -9.91 10.29
C ALA D 189 9.44 -9.24 9.35
N SER D 190 8.95 -8.29 8.57
CA SER D 190 9.78 -7.71 7.53
C SER D 190 9.74 -6.20 7.56
N PHE D 191 10.80 -5.57 7.07
CA PHE D 191 10.79 -4.12 6.92
C PHE D 191 11.57 -3.63 5.69
N ASP D 192 11.06 -2.53 5.13
CA ASP D 192 11.67 -1.87 3.99
C ASP D 192 11.95 -0.43 4.37
N ALA D 193 13.10 0.09 3.99
CA ALA D 193 13.39 1.50 4.19
C ALA D 193 13.96 2.10 2.91
N THR D 194 13.69 3.38 2.67
CA THR D 194 14.25 4.06 1.52
C THR D 194 14.53 5.50 1.88
N PHE D 195 15.63 6.06 1.41
CA PHE D 195 15.77 7.53 1.51
C PHE D 195 16.61 8.14 0.39
N THR D 196 16.46 9.45 0.18
CA THR D 196 17.33 10.15 -0.76
C THR D 196 18.19 11.18 -0.02
N PHE D 197 19.40 11.38 -0.53
CA PHE D 197 20.36 12.21 0.18
C PHE D 197 21.27 13.03 -0.73
N LEU D 198 21.55 14.25 -0.31
CA LEU D 198 22.53 15.10 -0.96
C LEU D 198 23.69 15.37 -0.01
N ILE D 199 24.85 14.80 -0.33
CA ILE D 199 26.06 15.06 0.42
C ILE D 199 26.97 15.95 -0.42
N LYS D 200 27.11 17.19 0.02
CA LYS D 200 27.89 18.20 -0.68
C LYS D 200 28.92 18.76 0.27
N SER D 201 30.19 18.65 -0.09
CA SER D 201 31.27 19.23 0.71
C SER D 201 32.20 20.09 -0.13
N SER D 202 32.98 20.92 0.55
CA SER D 202 33.91 21.84 -0.10
C SER D 202 35.30 21.24 -0.24
N ASP D 203 35.92 20.92 0.90
CA ASP D 203 37.26 20.37 0.92
C ASP D 203 37.30 18.97 0.29
N SER D 204 38.49 18.54 -0.11
CA SER D 204 38.66 17.26 -0.78
C SER D 204 38.28 16.06 0.08
N HIS D 205 38.07 16.28 1.37
CA HIS D 205 37.75 15.20 2.30
C HIS D 205 36.50 15.45 3.13
N PRO D 206 35.35 14.95 2.66
CA PRO D 206 34.07 15.04 3.37
C PRO D 206 33.97 14.04 4.52
N ALA D 207 33.25 14.38 5.57
CA ALA D 207 33.04 13.48 6.70
C ALA D 207 31.85 13.87 7.58
N ASP D 208 31.35 12.93 8.39
CA ASP D 208 31.70 11.52 8.28
C ASP D 208 30.69 10.61 7.56
N GLY D 209 29.46 11.04 7.37
CA GLY D 209 28.52 10.17 6.68
C GLY D 209 27.09 10.21 7.17
N ILE D 210 26.27 9.30 6.66
CA ILE D 210 24.86 9.22 7.06
C ILE D 210 24.53 7.77 7.37
N ALA D 211 23.56 7.55 8.26
CA ALA D 211 23.20 6.18 8.60
C ALA D 211 21.73 6.01 8.97
N PHE D 212 21.15 4.87 8.60
CA PHE D 212 19.81 4.52 9.08
C PHE D 212 19.97 3.55 10.24
N PHE D 213 19.22 3.77 11.32
CA PHE D 213 19.41 2.95 12.52
C PHE D 213 18.12 2.54 13.24
N ILE D 214 18.22 1.42 13.95
CA ILE D 214 17.14 0.92 14.80
C ILE D 214 17.66 0.71 16.20
N SER D 215 16.96 1.28 17.17
CA SER D 215 17.40 1.32 18.56
C SER D 215 16.22 1.24 19.53
N ASN D 216 16.50 0.98 20.80
CA ASN D 216 15.48 0.98 21.83
C ASN D 216 14.74 2.30 21.87
N ILE D 217 13.45 2.26 22.22
CA ILE D 217 12.57 3.41 22.08
C ILE D 217 13.09 4.72 22.67
N ASP D 218 13.85 4.65 23.77
CA ASP D 218 14.33 5.86 24.45
C ASP D 218 15.68 6.34 23.95
N SER D 219 16.21 5.68 22.91
CA SER D 219 17.55 5.95 22.41
C SER D 219 17.82 7.43 22.11
N SER D 220 19.03 7.88 22.47
CA SER D 220 19.44 9.25 22.24
C SER D 220 20.94 9.30 21.95
N ILE D 221 21.40 10.41 21.37
CA ILE D 221 22.79 10.56 20.97
C ILE D 221 23.78 10.35 22.13
N PRO D 222 24.66 9.34 22.00
CA PRO D 222 25.70 9.05 22.99
C PRO D 222 26.71 10.19 23.08
N SER D 223 27.47 10.25 24.18
CA SER D 223 28.41 11.35 24.41
C SER D 223 29.72 11.17 23.64
N GLY D 224 30.08 12.17 22.84
CA GLY D 224 31.32 12.13 22.08
C GLY D 224 31.17 11.31 20.81
N SER D 225 29.95 11.27 20.28
CA SER D 225 29.62 10.47 19.10
C SER D 225 29.70 11.23 17.77
N THR D 226 30.19 12.47 17.79
CA THR D 226 30.35 13.21 16.55
C THR D 226 31.48 12.59 15.71
N GLY D 227 31.75 13.17 14.55
CA GLY D 227 32.84 12.69 13.72
C GLY D 227 32.68 11.24 13.32
N ARG D 228 33.67 10.43 13.69
CA ARG D 228 33.77 9.03 13.26
C ARG D 228 32.72 8.09 13.86
N LEU D 229 32.13 8.46 14.99
CA LEU D 229 31.16 7.58 15.63
C LEU D 229 29.75 7.72 15.03
N LEU D 230 29.58 8.69 14.15
CA LEU D 230 28.37 8.84 13.34
C LEU D 230 27.10 8.96 14.19
N GLY D 231 27.27 9.38 15.44
CA GLY D 231 26.15 9.63 16.31
C GLY D 231 25.53 8.39 16.94
N LEU D 232 25.87 7.21 16.42
CA LEU D 232 25.22 5.98 16.88
C LEU D 232 25.89 5.25 18.06
N PHE D 233 27.16 5.54 18.36
CA PHE D 233 27.88 4.76 19.36
C PHE D 233 28.72 5.61 20.32
N PRO D 234 28.75 5.22 21.61
CA PRO D 234 29.55 5.87 22.66
C PRO D 234 31.04 5.60 22.51
N ASP D 235 31.38 4.51 21.84
CA ASP D 235 32.77 4.07 21.72
C ASP D 235 33.02 3.40 20.38
N ALA D 236 34.27 3.42 19.93
CA ALA D 236 34.64 2.84 18.65
C ALA D 236 34.86 1.34 18.79
N ASN D 237 34.65 0.83 20.01
CA ASN D 237 34.88 -0.57 20.30
C ASN D 237 33.90 -1.49 19.59
C1 MMA E . -12.38 25.34 -36.09
C2 MMA E . -12.67 23.93 -35.56
C3 MMA E . -12.42 22.95 -36.67
C4 MMA E . -13.33 23.28 -37.81
C5 MMA E . -13.09 24.72 -38.29
C6 MMA E . -14.08 25.04 -39.44
C7 MMA E . -10.74 26.84 -36.69
O1 MMA E . -11.02 25.43 -36.52
O2 MMA E . -13.99 23.90 -34.97
O3 MMA E . -12.68 21.58 -36.25
O4 MMA E . -13.10 22.26 -38.84
O5 MMA E . -13.34 25.66 -37.19
O6 MMA E . -15.44 24.97 -38.98
C1 MAN E . -11.51 20.79 -36.03
C2 MAN E . -11.98 19.40 -35.62
C3 MAN E . -12.72 19.50 -34.31
C4 MAN E . -11.76 20.07 -33.27
C5 MAN E . -11.32 21.43 -33.72
C6 MAN E . -10.35 22.02 -32.71
O2 MAN E . -10.86 18.53 -35.40
O3 MAN E . -13.18 18.20 -33.90
O4 MAN E . -12.42 20.23 -31.99
O5 MAN E . -10.66 21.33 -34.99
O6 MAN E . -9.21 21.18 -32.59
C1 MMA F . 2.49 -45.84 -6.39
C2 MMA F . 2.74 -44.39 -6.91
C3 MMA F . 1.78 -44.12 -8.05
C4 MMA F . 2.11 -45.10 -9.13
C5 MMA F . 1.91 -46.48 -8.64
C6 MMA F . 2.75 -47.32 -9.59
C7 MMA F . 0.92 -45.26 -4.76
O1 MMA F . 1.16 -46.02 -5.93
O2 MMA F . 4.11 -44.15 -7.27
O3 MMA F . 1.98 -42.77 -8.56
O4 MMA F . 1.31 -44.90 -10.30
O5 MMA F . 2.74 -46.72 -7.54
O6 MMA F . 2.79 -48.69 -9.24
C1 MAN F . 0.86 -42.20 -9.23
C2 MAN F . 1.29 -41.11 -10.21
C3 MAN F . 2.13 -40.10 -9.52
C4 MAN F . 1.41 -39.46 -8.42
C5 MAN F . 1.06 -40.59 -7.44
C6 MAN F . 0.47 -40.00 -6.17
O2 MAN F . 0.07 -40.62 -10.78
O3 MAN F . 2.37 -39.03 -10.49
O4 MAN F . 2.34 -38.58 -7.78
O5 MAN F . 0.22 -41.57 -8.09
O6 MAN F . -0.76 -39.36 -6.47
C1 MMA G . -32.47 6.96 31.87
C2 MMA G . -31.24 7.58 31.20
C3 MMA G . -30.16 7.58 32.23
C4 MMA G . -30.66 8.50 33.36
C5 MMA G . -31.92 7.98 33.98
C6 MMA G . -32.31 8.95 35.12
C7 MMA G . -33.39 4.97 32.77
O1 MMA G . -32.17 5.60 32.28
O2 MMA G . -31.57 8.90 30.69
O3 MMA G . -28.95 8.16 31.70
O4 MMA G . -29.61 8.69 34.34
O5 MMA G . -32.93 7.88 32.94
O6 MMA G . -33.49 8.46 35.77
C1 MAN G . -27.78 7.53 32.23
C2 MAN G . -26.55 8.35 31.91
C3 MAN G . -26.46 8.62 30.45
C4 MAN G . -26.35 7.31 29.74
C5 MAN G . -27.59 6.52 30.07
C6 MAN G . -27.49 5.14 29.41
O2 MAN G . -25.40 7.65 32.47
O3 MAN G . -25.30 9.43 30.20
O4 MAN G . -26.38 7.64 28.33
O5 MAN G . -27.69 6.28 31.50
O6 MAN G . -26.34 4.47 29.94
C1 MMA H . 42.93 12.77 11.45
C2 MMA H . 41.62 12.17 12.00
C3 MMA H . 40.89 13.21 12.77
C4 MMA H . 41.77 13.68 13.91
C5 MMA H . 43.05 14.24 13.32
C6 MMA H . 43.93 14.65 14.49
C7 MMA H . 43.86 14.48 10.19
O1 MMA H . 42.62 13.88 10.59
O2 MMA H . 41.79 10.96 12.76
O3 MMA H . 39.67 12.69 13.31
O4 MMA H . 41.21 14.81 14.58
O5 MMA H . 43.73 13.23 12.56
O6 MMA H . 44.17 13.51 15.30
C1 MAN H . 38.70 13.68 13.72
C2 MAN H . 37.61 13.03 14.52
C3 MAN H . 37.00 11.89 13.72
C4 MAN H . 36.39 12.41 12.47
C5 MAN H . 37.53 13.06 11.69
C6 MAN H . 36.99 13.40 10.31
O2 MAN H . 36.64 14.03 14.91
O3 MAN H . 35.95 11.26 14.47
O4 MAN H . 35.99 11.28 11.65
O5 MAN H . 38.14 14.16 12.44
O6 MAN H . 35.94 14.31 10.44
MN MN I . -15.75 19.52 -22.82
CA CA J . -13.51 20.16 -26.86
CD CD K . -26.14 1.18 -5.92
CD CD L . -24.51 8.82 -28.26
MN MN M . 9.25 -32.26 -4.45
CA CA N . 6.15 -35.30 -5.36
CD CD O . 21.11 -9.62 -11.99
CD CD P . 13.38 -30.88 -18.25
MN MN Q . -26.10 10.50 19.02
CA CA R . -26.60 8.95 22.94
CD CD S . -9.98 24.01 2.36
CD CD T . -19.92 22.90 24.06
CD CD U . 2.02 23.84 7.02
MN MN V . 32.72 2.50 8.52
CA CA W . 34.22 6.64 9.36
CD CD X . 14.40 -15.78 15.18
CD CD Y . 30.18 -0.42 22.06
#